data_2RUT
#
_entry.id   2RUT
#
loop_
_entity.id
_entity.type
_entity.pdbx_description
1 polymer 'Zinc finger protein ZFAT'
2 non-polymer 'ZINC ION'
#
_entity_poly.entity_id   1
_entity_poly.type   'polypeptide(L)'
_entity_poly.pdbx_seq_one_letter_code
;GSSGSSGKIFTCEYCNKVFKFKHSLQAHLRIHTNEK
;
_entity_poly.pdbx_strand_id   A
#
# COMPACT_ATOMS: atom_id res chain seq x y z
N GLY A 1 -15.92 -16.21 15.61
CA GLY A 1 -15.89 -14.97 14.80
C GLY A 1 -14.53 -14.76 14.15
N SER A 2 -14.50 -14.05 13.01
CA SER A 2 -13.28 -13.77 12.23
C SER A 2 -12.31 -12.82 12.96
N SER A 3 -11.00 -13.01 12.73
CA SER A 3 -9.92 -12.20 13.34
C SER A 3 -9.68 -10.84 12.63
N GLY A 4 -10.24 -10.64 11.45
CA GLY A 4 -10.13 -9.42 10.65
C GLY A 4 -10.94 -9.48 9.35
N SER A 5 -10.71 -8.51 8.45
CA SER A 5 -11.40 -8.37 7.15
C SER A 5 -10.41 -8.07 6.02
N SER A 6 -10.72 -8.56 4.81
CA SER A 6 -9.90 -8.41 3.59
C SER A 6 -10.77 -8.25 2.33
N GLY A 7 -10.17 -7.74 1.25
CA GLY A 7 -10.82 -7.46 -0.02
C GLY A 7 -9.82 -6.97 -1.07
N LYS A 8 -10.19 -5.94 -1.85
CA LYS A 8 -9.27 -5.23 -2.76
C LYS A 8 -8.16 -4.54 -1.98
N ILE A 9 -6.92 -4.65 -2.48
CA ILE A 9 -5.69 -4.17 -1.83
C ILE A 9 -4.94 -3.14 -2.69
N PHE A 10 -3.95 -2.50 -2.08
CA PHE A 10 -3.11 -1.45 -2.66
C PHE A 10 -1.63 -1.80 -2.47
N THR A 11 -0.84 -1.86 -3.55
CA THR A 11 0.55 -2.37 -3.54
C THR A 11 1.57 -1.26 -3.76
N CYS A 12 2.64 -1.28 -2.95
CA CYS A 12 3.81 -0.41 -3.09
C CYS A 12 4.64 -0.78 -4.34
N GLU A 13 4.87 0.19 -5.21
CA GLU A 13 5.69 0.00 -6.42
C GLU A 13 7.20 -0.06 -6.12
N TYR A 14 7.61 0.22 -4.88
CA TYR A 14 9.00 0.34 -4.46
C TYR A 14 9.50 -0.87 -3.64
N CYS A 15 8.64 -1.49 -2.82
CA CYS A 15 8.97 -2.66 -1.99
C CYS A 15 7.94 -3.81 -2.04
N ASN A 16 6.87 -3.68 -2.84
CA ASN A 16 5.81 -4.69 -3.05
C ASN A 16 5.01 -5.07 -1.79
N LYS A 17 4.99 -4.21 -0.76
CA LYS A 17 4.11 -4.33 0.41
C LYS A 17 2.67 -3.99 0.02
N VAL A 18 1.71 -4.71 0.58
CA VAL A 18 0.27 -4.54 0.32
C VAL A 18 -0.50 -4.01 1.55
N PHE A 19 -1.47 -3.15 1.29
CA PHE A 19 -2.33 -2.48 2.27
C PHE A 19 -3.82 -2.61 1.91
N LYS A 20 -4.70 -2.44 2.90
CA LYS A 20 -6.15 -2.59 2.77
C LYS A 20 -6.87 -1.34 2.25
N PHE A 21 -6.25 -0.17 2.41
CA PHE A 21 -6.80 1.15 2.05
C PHE A 21 -5.76 2.03 1.34
N LYS A 22 -6.23 2.87 0.41
CA LYS A 22 -5.36 3.74 -0.43
C LYS A 22 -4.48 4.67 0.39
N HIS A 23 -5.07 5.36 1.38
CA HIS A 23 -4.35 6.31 2.24
C HIS A 23 -3.22 5.66 3.06
N SER A 24 -3.33 4.35 3.33
CA SER A 24 -2.32 3.58 4.07
C SER A 24 -1.06 3.40 3.21
N LEU A 25 -1.24 3.06 1.93
CA LEU A 25 -0.16 3.01 0.95
C LEU A 25 0.44 4.40 0.71
N GLN A 26 -0.39 5.41 0.42
CA GLN A 26 0.07 6.76 0.03
C GLN A 26 0.95 7.41 1.10
N ALA A 27 0.67 7.14 2.37
CA ALA A 27 1.49 7.56 3.51
C ALA A 27 2.79 6.75 3.66
N HIS A 28 2.77 5.46 3.31
CA HIS A 28 3.96 4.60 3.28
C HIS A 28 4.95 5.04 2.18
N LEU A 29 4.47 5.61 1.07
CA LEU A 29 5.35 6.12 -0.01
C LEU A 29 6.36 7.18 0.46
N ARG A 30 6.04 7.92 1.53
CA ARG A 30 6.89 8.99 2.07
C ARG A 30 8.27 8.51 2.57
N ILE A 31 8.47 7.20 2.75
CA ILE A 31 9.79 6.60 3.04
C ILE A 31 10.63 6.37 1.77
N HIS A 32 9.96 6.23 0.62
CA HIS A 32 10.53 5.94 -0.70
C HIS A 32 10.73 7.21 -1.56
N THR A 33 9.91 8.24 -1.38
CA THR A 33 9.90 9.49 -2.16
C THR A 33 9.85 10.75 -1.29
N ASN A 34 10.12 11.91 -1.89
CA ASN A 34 10.15 13.23 -1.23
C ASN A 34 9.44 14.32 -2.06
N GLU A 35 9.12 15.44 -1.42
CA GLU A 35 8.42 16.60 -2.02
C GLU A 35 8.99 17.94 -1.51
N LYS A 36 8.97 18.97 -2.37
CA LYS A 36 9.45 20.34 -2.08
C LYS A 36 8.52 21.39 -2.72
N GLY A 1 -12.72 -22.45 8.29
CA GLY A 1 -13.22 -21.26 7.56
C GLY A 1 -12.19 -20.71 6.59
N SER A 2 -12.41 -19.48 6.10
CA SER A 2 -11.53 -18.76 5.17
C SER A 2 -11.61 -17.24 5.37
N SER A 3 -10.51 -16.53 5.08
CA SER A 3 -10.45 -15.06 5.05
C SER A 3 -11.13 -14.44 3.82
N GLY A 4 -11.39 -15.24 2.77
CA GLY A 4 -11.96 -14.80 1.50
C GLY A 4 -11.00 -13.98 0.62
N SER A 5 -11.50 -13.54 -0.54
CA SER A 5 -10.74 -12.82 -1.57
C SER A 5 -11.42 -11.55 -2.12
N SER A 6 -12.61 -11.19 -1.61
CA SER A 6 -13.45 -10.09 -2.13
C SER A 6 -12.97 -8.68 -1.72
N GLY A 7 -12.12 -8.57 -0.70
CA GLY A 7 -11.60 -7.28 -0.20
C GLY A 7 -10.59 -6.62 -1.13
N LYS A 8 -10.56 -5.29 -1.16
CA LYS A 8 -9.59 -4.48 -1.92
C LYS A 8 -8.22 -4.46 -1.25
N ILE A 9 -7.17 -4.43 -2.08
CA ILE A 9 -5.77 -4.24 -1.69
C ILE A 9 -5.04 -3.23 -2.60
N PHE A 10 -3.97 -2.65 -2.08
CA PHE A 10 -3.10 -1.65 -2.74
C PHE A 10 -1.63 -2.05 -2.55
N THR A 11 -0.80 -2.01 -3.60
CA THR A 11 0.60 -2.50 -3.57
C THR A 11 1.61 -1.38 -3.81
N CYS A 12 2.67 -1.34 -3.00
CA CYS A 12 3.81 -0.44 -3.14
C CYS A 12 4.64 -0.80 -4.38
N GLU A 13 4.84 0.17 -5.27
CA GLU A 13 5.66 -0.01 -6.49
C GLU A 13 7.18 -0.03 -6.20
N TYR A 14 7.58 0.28 -4.95
CA TYR A 14 8.98 0.43 -4.54
C TYR A 14 9.52 -0.78 -3.75
N CYS A 15 8.67 -1.44 -2.94
CA CYS A 15 9.05 -2.61 -2.12
C CYS A 15 8.04 -3.79 -2.18
N ASN A 16 6.96 -3.67 -2.96
CA ASN A 16 5.91 -4.69 -3.15
C ASN A 16 5.14 -5.10 -1.87
N LYS A 17 5.13 -4.23 -0.84
CA LYS A 17 4.29 -4.36 0.36
C LYS A 17 2.84 -4.02 0.01
N VAL A 18 1.89 -4.75 0.60
CA VAL A 18 0.44 -4.58 0.37
C VAL A 18 -0.30 -4.03 1.58
N PHE A 19 -1.32 -3.21 1.29
CA PHE A 19 -2.18 -2.49 2.23
C PHE A 19 -3.67 -2.66 1.86
N LYS A 20 -4.56 -2.34 2.80
CA LYS A 20 -6.02 -2.53 2.65
C LYS A 20 -6.76 -1.33 2.04
N PHE A 21 -6.17 -0.13 2.14
CA PHE A 21 -6.77 1.13 1.72
C PHE A 21 -5.75 2.01 0.97
N LYS A 22 -6.24 2.91 0.11
CA LYS A 22 -5.40 3.81 -0.71
C LYS A 22 -4.52 4.70 0.17
N HIS A 23 -5.12 5.36 1.16
CA HIS A 23 -4.42 6.28 2.06
C HIS A 23 -3.34 5.61 2.92
N SER A 24 -3.48 4.31 3.17
CA SER A 24 -2.50 3.51 3.93
C SER A 24 -1.20 3.32 3.14
N LEU A 25 -1.32 2.96 1.86
CA LEU A 25 -0.18 2.90 0.94
C LEU A 25 0.40 4.30 0.71
N GLN A 26 -0.44 5.30 0.47
CA GLN A 26 0.00 6.65 0.09
C GLN A 26 0.85 7.33 1.18
N ALA A 27 0.57 7.02 2.44
CA ALA A 27 1.40 7.42 3.59
C ALA A 27 2.71 6.62 3.68
N HIS A 28 2.71 5.32 3.33
CA HIS A 28 3.91 4.50 3.28
C HIS A 28 4.90 5.00 2.20
N LEU A 29 4.43 5.59 1.10
CA LEU A 29 5.29 6.16 0.04
C LEU A 29 6.26 7.26 0.55
N ARG A 30 5.91 7.94 1.65
CA ARG A 30 6.72 9.02 2.25
C ARG A 30 8.14 8.59 2.64
N ILE A 31 8.38 7.30 2.86
CA ILE A 31 9.73 6.74 3.14
C ILE A 31 10.55 6.55 1.86
N HIS A 32 9.89 6.30 0.73
CA HIS A 32 10.48 5.98 -0.57
C HIS A 32 10.82 7.22 -1.40
N THR A 33 9.97 8.27 -1.35
CA THR A 33 10.18 9.56 -2.03
C THR A 33 10.67 10.67 -1.08
N ASN A 34 11.35 10.28 0.01
CA ASN A 34 12.02 11.20 0.94
C ASN A 34 13.20 11.92 0.25
N GLU A 35 13.41 13.20 0.58
CA GLU A 35 14.47 14.07 0.04
C GLU A 35 15.48 14.57 1.10
N LYS A 36 15.30 14.20 2.37
CA LYS A 36 16.12 14.62 3.52
C LYS A 36 17.39 13.77 3.69
N GLY A 1 -3.66 -12.05 1.46
CA GLY A 1 -2.89 -10.87 1.02
C GLY A 1 -3.25 -10.49 -0.41
N SER A 2 -2.25 -10.40 -1.29
CA SER A 2 -2.44 -10.16 -2.73
C SER A 2 -3.12 -11.35 -3.45
N SER A 3 -3.73 -11.09 -4.62
CA SER A 3 -4.45 -12.06 -5.47
C SER A 3 -5.62 -12.82 -4.81
N GLY A 4 -6.16 -12.30 -3.69
CA GLY A 4 -7.30 -12.89 -2.96
C GLY A 4 -8.62 -12.86 -3.75
N SER A 5 -9.53 -13.78 -3.40
CA SER A 5 -10.84 -13.96 -4.08
C SER A 5 -11.92 -12.95 -3.66
N SER A 6 -11.69 -12.17 -2.61
CA SER A 6 -12.59 -11.13 -2.08
C SER A 6 -11.83 -9.91 -1.54
N GLY A 7 -12.54 -8.79 -1.37
CA GLY A 7 -11.97 -7.52 -0.89
C GLY A 7 -11.09 -6.78 -1.91
N LYS A 8 -10.36 -5.77 -1.45
CA LYS A 8 -9.45 -4.92 -2.24
C LYS A 8 -8.20 -4.55 -1.42
N ILE A 9 -7.04 -4.59 -2.08
CA ILE A 9 -5.72 -4.23 -1.57
C ILE A 9 -5.00 -3.26 -2.51
N PHE A 10 -3.94 -2.62 -2.01
CA PHE A 10 -3.12 -1.62 -2.70
C PHE A 10 -1.63 -1.94 -2.51
N THR A 11 -0.85 -1.96 -3.59
CA THR A 11 0.55 -2.45 -3.59
C THR A 11 1.58 -1.33 -3.82
N CYS A 12 2.65 -1.33 -3.03
CA CYS A 12 3.81 -0.48 -3.21
C CYS A 12 4.58 -0.82 -4.49
N GLU A 13 4.87 0.19 -5.32
CA GLU A 13 5.68 0.01 -6.52
C GLU A 13 7.19 -0.05 -6.22
N TYR A 14 7.60 0.28 -4.99
CA TYR A 14 8.99 0.42 -4.58
C TYR A 14 9.53 -0.78 -3.77
N CYS A 15 8.67 -1.42 -2.95
CA CYS A 15 9.03 -2.62 -2.15
C CYS A 15 7.98 -3.76 -2.18
N ASN A 16 6.88 -3.58 -2.92
CA ASN A 16 5.80 -4.56 -3.12
C ASN A 16 5.06 -5.03 -1.85
N LYS A 17 5.06 -4.20 -0.80
CA LYS A 17 4.21 -4.37 0.39
C LYS A 17 2.76 -4.01 0.03
N VAL A 18 1.79 -4.71 0.62
CA VAL A 18 0.35 -4.53 0.37
C VAL A 18 -0.39 -3.97 1.58
N PHE A 19 -1.38 -3.11 1.30
CA PHE A 19 -2.20 -2.37 2.25
C PHE A 19 -3.69 -2.53 1.96
N LYS A 20 -4.54 -2.24 2.94
CA LYS A 20 -6.01 -2.45 2.88
C LYS A 20 -6.78 -1.27 2.29
N PHE A 21 -6.19 -0.07 2.32
CA PHE A 21 -6.79 1.19 1.89
C PHE A 21 -5.78 2.03 1.11
N LYS A 22 -6.27 2.90 0.21
CA LYS A 22 -5.42 3.74 -0.65
C LYS A 22 -4.53 4.68 0.16
N HIS A 23 -5.11 5.39 1.13
CA HIS A 23 -4.39 6.35 1.99
C HIS A 23 -3.28 5.69 2.85
N SER A 24 -3.41 4.39 3.12
CA SER A 24 -2.40 3.62 3.88
C SER A 24 -1.14 3.38 3.06
N LEU A 25 -1.31 3.00 1.79
CA LEU A 25 -0.20 2.94 0.84
C LEU A 25 0.40 4.32 0.60
N GLN A 26 -0.43 5.35 0.38
CA GLN A 26 0.03 6.69 0.01
C GLN A 26 0.91 7.34 1.10
N ALA A 27 0.62 7.05 2.36
CA ALA A 27 1.44 7.42 3.52
C ALA A 27 2.75 6.61 3.62
N HIS A 28 2.72 5.32 3.26
CA HIS A 28 3.91 4.48 3.20
C HIS A 28 4.92 4.96 2.14
N LEU A 29 4.46 5.57 1.04
CA LEU A 29 5.35 6.15 0.01
C LEU A 29 6.32 7.20 0.55
N ARG A 30 5.98 7.86 1.66
CA ARG A 30 6.80 8.91 2.29
C ARG A 30 8.18 8.43 2.80
N ILE A 31 8.40 7.11 2.87
CA ILE A 31 9.74 6.52 3.14
C ILE A 31 10.58 6.35 1.87
N HIS A 32 9.92 6.23 0.71
CA HIS A 32 10.50 5.98 -0.61
C HIS A 32 10.77 7.27 -1.41
N THR A 33 10.00 8.33 -1.18
CA THR A 33 10.13 9.64 -1.86
C THR A 33 10.24 10.81 -0.85
N ASN A 34 10.72 11.96 -1.33
CA ASN A 34 10.99 13.18 -0.53
C ASN A 34 10.62 14.46 -1.32
N GLU A 35 10.49 15.59 -0.61
CA GLU A 35 10.19 16.90 -1.21
C GLU A 35 11.38 17.49 -2.02
N LYS A 36 11.06 18.40 -2.95
CA LYS A 36 12.01 19.08 -3.85
C LYS A 36 11.60 20.55 -4.08
N GLY A 1 0.89 -14.22 -4.69
CA GLY A 1 1.74 -15.42 -4.53
C GLY A 1 1.16 -16.61 -5.28
N SER A 2 1.13 -17.78 -4.65
CA SER A 2 0.62 -19.04 -5.25
C SER A 2 -0.91 -19.04 -5.47
N SER A 3 -1.64 -18.16 -4.76
CA SER A 3 -3.09 -17.92 -4.91
C SER A 3 -3.41 -16.42 -4.81
N GLY A 4 -4.59 -16.01 -5.31
CA GLY A 4 -5.08 -14.63 -5.26
C GLY A 4 -5.71 -14.25 -3.92
N SER A 5 -5.54 -12.99 -3.51
CA SER A 5 -6.12 -12.43 -2.27
C SER A 5 -7.59 -12.03 -2.44
N SER A 6 -8.38 -12.14 -1.36
CA SER A 6 -9.78 -11.68 -1.30
C SER A 6 -9.89 -10.18 -1.00
N GLY A 7 -11.01 -9.56 -1.43
CA GLY A 7 -11.27 -8.12 -1.26
C GLY A 7 -10.33 -7.20 -2.06
N LYS A 8 -10.33 -5.91 -1.73
CA LYS A 8 -9.44 -4.88 -2.31
C LYS A 8 -8.15 -4.74 -1.49
N ILE A 9 -7.02 -4.68 -2.20
CA ILE A 9 -5.68 -4.33 -1.68
C ILE A 9 -4.99 -3.30 -2.58
N PHE A 10 -4.01 -2.60 -2.02
CA PHE A 10 -3.14 -1.62 -2.67
C PHE A 10 -1.67 -2.01 -2.47
N THR A 11 -0.85 -2.00 -3.52
CA THR A 11 0.54 -2.50 -3.50
C THR A 11 1.56 -1.40 -3.79
N CYS A 12 2.64 -1.36 -3.01
CA CYS A 12 3.79 -0.49 -3.22
C CYS A 12 4.54 -0.85 -4.50
N GLU A 13 4.80 0.14 -5.36
CA GLU A 13 5.60 -0.05 -6.57
C GLU A 13 7.12 -0.09 -6.29
N TYR A 14 7.54 0.27 -5.07
CA TYR A 14 8.95 0.43 -4.68
C TYR A 14 9.50 -0.75 -3.87
N CYS A 15 8.66 -1.40 -3.03
CA CYS A 15 9.04 -2.57 -2.21
C CYS A 15 8.00 -3.72 -2.20
N ASN A 16 6.88 -3.57 -2.91
CA ASN A 16 5.79 -4.54 -3.05
C ASN A 16 5.09 -4.97 -1.75
N LYS A 17 5.11 -4.11 -0.72
CA LYS A 17 4.29 -4.24 0.49
C LYS A 17 2.83 -3.90 0.15
N VAL A 18 1.88 -4.60 0.79
CA VAL A 18 0.44 -4.49 0.53
C VAL A 18 -0.35 -3.92 1.71
N PHE A 19 -1.38 -3.14 1.39
CA PHE A 19 -2.24 -2.38 2.31
C PHE A 19 -3.72 -2.55 1.95
N LYS A 20 -4.61 -2.25 2.90
CA LYS A 20 -6.06 -2.44 2.76
C LYS A 20 -6.80 -1.24 2.16
N PHE A 21 -6.21 -0.05 2.28
CA PHE A 21 -6.81 1.24 1.88
C PHE A 21 -5.81 2.10 1.11
N LYS A 22 -6.31 3.00 0.25
CA LYS A 22 -5.47 3.86 -0.59
C LYS A 22 -4.55 4.77 0.23
N HIS A 23 -5.11 5.43 1.25
CA HIS A 23 -4.38 6.35 2.12
C HIS A 23 -3.27 5.65 2.94
N SER A 24 -3.42 4.34 3.19
CA SER A 24 -2.43 3.54 3.92
C SER A 24 -1.17 3.29 3.09
N LEU A 25 -1.33 2.96 1.80
CA LEU A 25 -0.23 2.92 0.85
C LEU A 25 0.38 4.31 0.63
N GLN A 26 -0.46 5.32 0.41
CA GLN A 26 -0.01 6.69 0.04
C GLN A 26 0.86 7.33 1.13
N ALA A 27 0.58 7.01 2.39
CA ALA A 27 1.42 7.39 3.54
C ALA A 27 2.72 6.58 3.61
N HIS A 28 2.70 5.29 3.27
CA HIS A 28 3.90 4.45 3.18
C HIS A 28 4.89 4.95 2.11
N LEU A 29 4.42 5.57 1.02
CA LEU A 29 5.28 6.15 -0.02
C LEU A 29 6.26 7.21 0.50
N ARG A 30 5.93 7.86 1.63
CA ARG A 30 6.75 8.91 2.26
C ARG A 30 8.13 8.43 2.74
N ILE A 31 8.37 7.12 2.82
CA ILE A 31 9.70 6.53 3.07
C ILE A 31 10.54 6.38 1.78
N HIS A 32 9.87 6.26 0.64
CA HIS A 32 10.44 6.06 -0.70
C HIS A 32 10.69 7.41 -1.44
N THR A 33 9.97 8.47 -1.10
CA THR A 33 10.22 9.85 -1.58
C THR A 33 11.54 10.42 -1.05
N ASN A 34 12.09 11.42 -1.76
CA ASN A 34 13.29 12.16 -1.31
C ASN A 34 12.97 13.14 -0.16
N GLU A 35 14.01 13.60 0.55
CA GLU A 35 13.92 14.45 1.74
C GLU A 35 14.27 15.94 1.48
N LYS A 36 14.33 16.34 0.20
CA LYS A 36 14.76 17.68 -0.30
C LYS A 36 16.12 18.14 0.25
N GLY A 1 -18.00 -17.92 9.33
CA GLY A 1 -16.76 -17.10 9.32
C GLY A 1 -16.00 -17.23 8.01
N SER A 2 -14.69 -16.98 8.04
CA SER A 2 -13.78 -17.03 6.87
C SER A 2 -12.36 -17.51 7.26
N SER A 3 -11.60 -17.99 6.27
CA SER A 3 -10.26 -18.56 6.46
C SER A 3 -9.12 -17.51 6.57
N GLY A 4 -9.40 -16.24 6.28
CA GLY A 4 -8.42 -15.14 6.30
C GLY A 4 -8.97 -13.83 5.70
N SER A 5 -8.08 -12.87 5.44
CA SER A 5 -8.41 -11.57 4.85
C SER A 5 -8.88 -11.69 3.39
N SER A 6 -9.71 -10.73 2.95
CA SER A 6 -10.36 -10.72 1.62
C SER A 6 -10.60 -9.28 1.10
N GLY A 7 -10.99 -9.16 -0.17
CA GLY A 7 -11.26 -7.89 -0.85
C GLY A 7 -10.02 -7.22 -1.47
N LYS A 8 -10.24 -6.03 -2.06
CA LYS A 8 -9.23 -5.26 -2.81
C LYS A 8 -8.16 -4.66 -1.88
N ILE A 9 -6.90 -4.73 -2.33
CA ILE A 9 -5.70 -4.22 -1.66
C ILE A 9 -4.91 -3.26 -2.56
N PHE A 10 -3.96 -2.54 -1.96
CA PHE A 10 -3.13 -1.53 -2.60
C PHE A 10 -1.65 -1.87 -2.44
N THR A 11 -0.88 -1.95 -3.53
CA THR A 11 0.52 -2.45 -3.54
C THR A 11 1.54 -1.34 -3.79
N CYS A 12 2.60 -1.31 -3.00
CA CYS A 12 3.76 -0.43 -3.16
C CYS A 12 4.58 -0.81 -4.41
N GLU A 13 4.78 0.13 -5.31
CA GLU A 13 5.59 -0.08 -6.52
C GLU A 13 7.12 -0.11 -6.24
N TYR A 14 7.53 0.23 -5.01
CA TYR A 14 8.93 0.37 -4.62
C TYR A 14 9.47 -0.82 -3.80
N CYS A 15 8.62 -1.46 -2.97
CA CYS A 15 8.97 -2.62 -2.14
C CYS A 15 7.96 -3.80 -2.15
N ASN A 16 6.87 -3.67 -2.93
CA ASN A 16 5.83 -4.69 -3.11
C ASN A 16 5.05 -5.08 -1.83
N LYS A 17 5.05 -4.22 -0.81
CA LYS A 17 4.19 -4.34 0.38
C LYS A 17 2.74 -3.98 0.04
N VAL A 18 1.77 -4.68 0.64
CA VAL A 18 0.33 -4.49 0.41
C VAL A 18 -0.40 -3.91 1.62
N PHE A 19 -1.40 -3.07 1.35
CA PHE A 19 -2.21 -2.33 2.33
C PHE A 19 -3.71 -2.48 2.03
N LYS A 20 -4.53 -2.24 3.06
CA LYS A 20 -6.00 -2.45 3.02
C LYS A 20 -6.78 -1.28 2.42
N PHE A 21 -6.20 -0.07 2.45
CA PHE A 21 -6.81 1.18 2.03
C PHE A 21 -5.81 2.05 1.24
N LYS A 22 -6.32 2.92 0.37
CA LYS A 22 -5.50 3.77 -0.50
C LYS A 22 -4.57 4.70 0.30
N HIS A 23 -5.13 5.41 1.28
CA HIS A 23 -4.39 6.36 2.11
C HIS A 23 -3.27 5.71 2.94
N SER A 24 -3.40 4.41 3.24
CA SER A 24 -2.38 3.64 3.97
C SER A 24 -1.14 3.39 3.13
N LEU A 25 -1.31 3.02 1.86
CA LEU A 25 -0.21 2.95 0.90
C LEU A 25 0.38 4.34 0.66
N GLN A 26 -0.46 5.36 0.42
CA GLN A 26 0.00 6.70 0.01
C GLN A 26 0.87 7.37 1.08
N ALA A 27 0.62 7.10 2.35
CA ALA A 27 1.45 7.50 3.48
C ALA A 27 2.75 6.68 3.59
N HIS A 28 2.71 5.38 3.30
CA HIS A 28 3.89 4.53 3.24
C HIS A 28 4.89 4.99 2.15
N LEU A 29 4.42 5.56 1.03
CA LEU A 29 5.28 6.10 -0.03
C LEU A 29 6.28 7.16 0.46
N ARG A 30 5.96 7.86 1.55
CA ARG A 30 6.80 8.94 2.10
C ARG A 30 8.20 8.48 2.56
N ILE A 31 8.39 7.18 2.82
CA ILE A 31 9.72 6.60 3.10
C ILE A 31 10.57 6.40 1.84
N HIS A 32 9.91 6.25 0.69
CA HIS A 32 10.49 6.05 -0.64
C HIS A 32 10.72 7.37 -1.39
N THR A 33 9.94 8.42 -1.12
CA THR A 33 10.12 9.77 -1.72
C THR A 33 11.32 10.53 -1.14
N ASN A 34 11.61 10.35 0.15
CA ASN A 34 12.68 11.04 0.86
C ASN A 34 14.05 10.32 0.73
N GLU A 35 15.11 11.09 0.57
CA GLU A 35 16.51 10.64 0.51
C GLU A 35 17.16 10.55 1.90
N LYS A 36 18.30 9.83 2.00
CA LYS A 36 19.07 9.58 3.23
C LYS A 36 20.58 9.77 3.02
N GLY A 1 -1.94 -14.95 0.54
CA GLY A 1 -1.55 -14.95 -0.88
C GLY A 1 -2.75 -14.76 -1.81
N SER A 2 -2.50 -14.35 -3.06
CA SER A 2 -3.54 -13.95 -4.03
C SER A 2 -4.52 -15.07 -4.43
N SER A 3 -4.15 -16.34 -4.22
CA SER A 3 -5.01 -17.52 -4.45
C SER A 3 -6.09 -17.74 -3.39
N GLY A 4 -6.06 -16.98 -2.28
CA GLY A 4 -7.07 -16.98 -1.22
C GLY A 4 -8.37 -16.24 -1.57
N SER A 5 -9.16 -15.90 -0.54
CA SER A 5 -10.42 -15.14 -0.69
C SER A 5 -10.18 -13.71 -1.22
N SER A 6 -11.11 -13.20 -2.02
CA SER A 6 -11.01 -11.90 -2.70
C SER A 6 -11.29 -10.69 -1.80
N GLY A 7 -10.74 -9.53 -2.17
CA GLY A 7 -10.90 -8.25 -1.47
C GLY A 7 -10.02 -7.14 -2.05
N LYS A 8 -10.28 -5.89 -1.66
CA LYS A 8 -9.51 -4.71 -2.10
C LYS A 8 -8.14 -4.65 -1.40
N ILE A 9 -7.07 -4.47 -2.18
CA ILE A 9 -5.70 -4.20 -1.72
C ILE A 9 -5.01 -3.14 -2.60
N PHE A 10 -3.97 -2.53 -2.06
CA PHE A 10 -3.10 -1.53 -2.70
C PHE A 10 -1.63 -1.94 -2.49
N THR A 11 -0.81 -1.96 -3.55
CA THR A 11 0.57 -2.48 -3.52
C THR A 11 1.60 -1.37 -3.78
N CYS A 12 2.65 -1.33 -2.97
CA CYS A 12 3.79 -0.44 -3.13
C CYS A 12 4.61 -0.81 -4.37
N GLU A 13 4.80 0.15 -5.27
CA GLU A 13 5.62 -0.03 -6.49
C GLU A 13 7.13 -0.06 -6.21
N TYR A 14 7.55 0.25 -4.98
CA TYR A 14 8.96 0.40 -4.58
C TYR A 14 9.49 -0.79 -3.78
N CYS A 15 8.65 -1.43 -2.94
CA CYS A 15 9.03 -2.60 -2.12
C CYS A 15 8.01 -3.77 -2.15
N ASN A 16 6.93 -3.66 -2.91
CA ASN A 16 5.87 -4.67 -3.09
C ASN A 16 5.11 -5.07 -1.80
N LYS A 17 5.11 -4.20 -0.78
CA LYS A 17 4.26 -4.31 0.42
C LYS A 17 2.81 -3.97 0.08
N VAL A 18 1.87 -4.69 0.67
CA VAL A 18 0.41 -4.53 0.43
C VAL A 18 -0.34 -3.97 1.64
N PHE A 19 -1.34 -3.15 1.34
CA PHE A 19 -2.21 -2.43 2.27
C PHE A 19 -3.68 -2.61 1.87
N LYS A 20 -4.60 -2.34 2.80
CA LYS A 20 -6.05 -2.53 2.60
C LYS A 20 -6.77 -1.34 1.95
N PHE A 21 -6.21 -0.14 2.12
CA PHE A 21 -6.81 1.13 1.70
C PHE A 21 -5.79 2.04 0.99
N LYS A 22 -6.28 2.98 0.19
CA LYS A 22 -5.44 3.89 -0.62
C LYS A 22 -4.53 4.75 0.25
N HIS A 23 -5.11 5.45 1.24
CA HIS A 23 -4.37 6.35 2.12
C HIS A 23 -3.28 5.64 2.95
N SER A 24 -3.48 4.35 3.24
CA SER A 24 -2.53 3.51 3.98
C SER A 24 -1.23 3.29 3.19
N LEU A 25 -1.34 2.98 1.89
CA LEU A 25 -0.20 2.91 0.99
C LEU A 25 0.40 4.30 0.76
N GLN A 26 -0.43 5.31 0.52
CA GLN A 26 0.01 6.67 0.14
C GLN A 26 0.88 7.31 1.24
N ALA A 27 0.58 7.03 2.50
CA ALA A 27 1.40 7.40 3.66
C ALA A 27 2.71 6.60 3.77
N HIS A 28 2.71 5.33 3.37
CA HIS A 28 3.93 4.51 3.30
C HIS A 28 4.90 5.00 2.21
N LEU A 29 4.41 5.59 1.11
CA LEU A 29 5.27 6.13 0.04
C LEU A 29 6.24 7.22 0.52
N ARG A 30 5.92 7.91 1.62
CA ARG A 30 6.75 8.97 2.21
C ARG A 30 8.15 8.50 2.66
N ILE A 31 8.38 7.18 2.78
CA ILE A 31 9.71 6.60 3.04
C ILE A 31 10.55 6.42 1.77
N HIS A 32 9.87 6.29 0.61
CA HIS A 32 10.43 6.05 -0.71
C HIS A 32 10.65 7.34 -1.52
N THR A 33 9.90 8.41 -1.23
CA THR A 33 10.04 9.73 -1.89
C THR A 33 11.39 10.40 -1.61
N ASN A 34 11.87 11.19 -2.57
CA ASN A 34 13.12 11.97 -2.48
C ASN A 34 12.99 13.31 -3.23
N GLU A 35 13.83 14.29 -2.89
CA GLU A 35 13.89 15.61 -3.55
C GLU A 35 14.60 15.59 -4.92
N LYS A 36 14.31 16.60 -5.75
CA LYS A 36 14.87 16.81 -7.11
C LYS A 36 15.30 18.25 -7.33
N GLY A 1 -21.14 -12.72 -5.64
CA GLY A 1 -19.69 -12.73 -5.33
C GLY A 1 -19.43 -13.36 -3.97
N SER A 2 -18.29 -14.06 -3.83
CA SER A 2 -17.90 -14.77 -2.59
C SER A 2 -17.33 -13.86 -1.48
N SER A 3 -16.84 -12.66 -1.84
CA SER A 3 -16.29 -11.65 -0.92
C SER A 3 -16.77 -10.23 -1.28
N GLY A 4 -16.91 -9.38 -0.27
CA GLY A 4 -17.25 -7.95 -0.42
C GLY A 4 -16.05 -7.06 -0.78
N SER A 5 -16.28 -5.74 -0.82
CA SER A 5 -15.28 -4.72 -1.18
C SER A 5 -14.05 -4.69 -0.27
N SER A 6 -14.15 -5.22 0.95
CA SER A 6 -13.03 -5.39 1.90
C SER A 6 -11.90 -6.31 1.39
N GLY A 7 -12.14 -7.09 0.32
CA GLY A 7 -11.13 -7.87 -0.38
C GLY A 7 -10.13 -7.07 -1.23
N LYS A 8 -10.38 -5.76 -1.45
CA LYS A 8 -9.46 -4.85 -2.15
C LYS A 8 -8.14 -4.68 -1.40
N ILE A 9 -7.03 -4.65 -2.16
CA ILE A 9 -5.68 -4.31 -1.69
C ILE A 9 -5.01 -3.26 -2.59
N PHE A 10 -3.99 -2.60 -2.03
CA PHE A 10 -3.14 -1.60 -2.69
C PHE A 10 -1.66 -1.97 -2.48
N THR A 11 -0.85 -1.98 -3.55
CA THR A 11 0.54 -2.48 -3.53
C THR A 11 1.56 -1.38 -3.80
N CYS A 12 2.63 -1.34 -3.01
CA CYS A 12 3.78 -0.45 -3.19
C CYS A 12 4.58 -0.82 -4.45
N GLU A 13 4.81 0.15 -5.33
CA GLU A 13 5.61 -0.05 -6.54
C GLU A 13 7.13 -0.07 -6.26
N TYR A 14 7.55 0.27 -5.02
CA TYR A 14 8.95 0.42 -4.63
C TYR A 14 9.49 -0.77 -3.83
N CYS A 15 8.66 -1.42 -3.00
CA CYS A 15 9.03 -2.59 -2.17
C CYS A 15 8.01 -3.75 -2.18
N ASN A 16 6.91 -3.62 -2.93
CA ASN A 16 5.85 -4.63 -3.10
C ASN A 16 5.10 -5.03 -1.81
N LYS A 17 5.11 -4.15 -0.79
CA LYS A 17 4.27 -4.27 0.42
C LYS A 17 2.81 -3.94 0.08
N VAL A 18 1.88 -4.64 0.71
CA VAL A 18 0.43 -4.52 0.45
C VAL A 18 -0.35 -3.97 1.65
N PHE A 19 -1.37 -3.17 1.34
CA PHE A 19 -2.23 -2.44 2.28
C PHE A 19 -3.71 -2.60 1.92
N LYS A 20 -4.61 -2.29 2.86
CA LYS A 20 -6.07 -2.48 2.71
C LYS A 20 -6.80 -1.27 2.10
N PHE A 21 -6.21 -0.07 2.20
CA PHE A 21 -6.80 1.19 1.79
C PHE A 21 -5.79 2.06 1.03
N LYS A 22 -6.29 2.98 0.19
CA LYS A 22 -5.46 3.87 -0.64
C LYS A 22 -4.55 4.76 0.22
N HIS A 23 -5.11 5.41 1.23
CA HIS A 23 -4.39 6.33 2.12
C HIS A 23 -3.29 5.63 2.95
N SER A 24 -3.45 4.32 3.20
CA SER A 24 -2.47 3.51 3.92
C SER A 24 -1.19 3.32 3.11
N LEU A 25 -1.33 2.97 1.83
CA LEU A 25 -0.21 2.91 0.89
C LEU A 25 0.39 4.30 0.67
N GLN A 26 -0.46 5.32 0.44
CA GLN A 26 -0.01 6.67 0.06
C GLN A 26 0.84 7.34 1.14
N ALA A 27 0.58 7.04 2.42
CA ALA A 27 1.41 7.43 3.55
C ALA A 27 2.72 6.62 3.64
N HIS A 28 2.70 5.32 3.30
CA HIS A 28 3.90 4.50 3.23
C HIS A 28 4.90 4.98 2.16
N LEU A 29 4.43 5.58 1.05
CA LEU A 29 5.28 6.14 -0.01
C LEU A 29 6.26 7.21 0.50
N ARG A 30 5.94 7.88 1.62
CA ARG A 30 6.74 8.95 2.23
C ARG A 30 8.13 8.48 2.72
N ILE A 31 8.36 7.16 2.83
CA ILE A 31 9.70 6.58 3.09
C ILE A 31 10.54 6.41 1.81
N HIS A 32 9.87 6.28 0.66
CA HIS A 32 10.45 6.07 -0.66
C HIS A 32 10.71 7.37 -1.42
N THR A 33 9.99 8.46 -1.10
CA THR A 33 10.20 9.81 -1.67
C THR A 33 11.51 10.44 -1.17
N ASN A 34 12.24 11.11 -2.08
CA ASN A 34 13.42 11.92 -1.76
C ASN A 34 13.06 13.42 -1.67
N GLU A 35 12.49 13.98 -2.75
CA GLU A 35 11.97 15.34 -2.84
C GLU A 35 10.86 15.43 -3.90
N LYS A 36 9.76 16.13 -3.59
CA LYS A 36 8.62 16.42 -4.47
C LYS A 36 8.05 17.82 -4.22
N GLY A 1 -6.35 -23.86 8.72
CA GLY A 1 -5.42 -23.15 7.80
C GLY A 1 -5.40 -21.65 8.05
N SER A 2 -4.29 -20.98 7.73
CA SER A 2 -4.08 -19.54 7.93
C SER A 2 -4.66 -18.64 6.83
N SER A 3 -4.98 -19.20 5.65
CA SER A 3 -5.54 -18.47 4.50
C SER A 3 -6.96 -17.96 4.75
N GLY A 4 -7.31 -16.81 4.15
CA GLY A 4 -8.64 -16.20 4.23
C GLY A 4 -8.76 -14.91 3.40
N SER A 5 -9.98 -14.44 3.19
CA SER A 5 -10.29 -13.25 2.37
C SER A 5 -9.88 -11.93 3.06
N SER A 6 -9.34 -10.99 2.27
CA SER A 6 -8.82 -9.68 2.73
C SER A 6 -9.40 -8.48 1.97
N GLY A 7 -10.29 -8.70 0.99
CA GLY A 7 -10.86 -7.65 0.12
C GLY A 7 -9.85 -7.10 -0.90
N LYS A 8 -10.17 -5.94 -1.48
CA LYS A 8 -9.27 -5.20 -2.39
C LYS A 8 -8.10 -4.60 -1.62
N ILE A 9 -6.91 -4.69 -2.22
CA ILE A 9 -5.63 -4.22 -1.65
C ILE A 9 -4.90 -3.24 -2.59
N PHE A 10 -3.92 -2.53 -2.03
CA PHE A 10 -3.10 -1.51 -2.68
C PHE A 10 -1.62 -1.86 -2.51
N THR A 11 -0.85 -1.94 -3.60
CA THR A 11 0.54 -2.44 -3.59
C THR A 11 1.57 -1.33 -3.83
N CYS A 12 2.63 -1.32 -3.03
CA CYS A 12 3.80 -0.46 -3.18
C CYS A 12 4.60 -0.83 -4.44
N GLU A 13 4.85 0.15 -5.30
CA GLU A 13 5.67 -0.04 -6.51
C GLU A 13 7.18 -0.10 -6.21
N TYR A 14 7.58 0.23 -4.97
CA TYR A 14 8.98 0.35 -4.56
C TYR A 14 9.51 -0.84 -3.75
N CYS A 15 8.65 -1.49 -2.93
CA CYS A 15 9.00 -2.65 -2.11
C CYS A 15 7.98 -3.81 -2.14
N ASN A 16 6.89 -3.67 -2.92
CA ASN A 16 5.84 -4.67 -3.12
C ASN A 16 5.05 -5.09 -1.85
N LYS A 17 5.03 -4.24 -0.82
CA LYS A 17 4.17 -4.37 0.37
C LYS A 17 2.72 -4.00 0.00
N VAL A 18 1.76 -4.70 0.59
CA VAL A 18 0.32 -4.51 0.35
C VAL A 18 -0.42 -3.95 1.56
N PHE A 19 -1.41 -3.08 1.29
CA PHE A 19 -2.22 -2.34 2.26
C PHE A 19 -3.72 -2.47 1.95
N LYS A 20 -4.56 -2.22 2.95
CA LYS A 20 -6.03 -2.40 2.87
C LYS A 20 -6.79 -1.20 2.30
N PHE A 21 -6.19 -0.01 2.36
CA PHE A 21 -6.77 1.26 1.94
C PHE A 21 -5.78 2.11 1.13
N LYS A 22 -6.28 3.00 0.28
CA LYS A 22 -5.45 3.86 -0.59
C LYS A 22 -4.53 4.77 0.23
N HIS A 23 -5.09 5.45 1.23
CA HIS A 23 -4.35 6.38 2.09
C HIS A 23 -3.25 5.70 2.93
N SER A 24 -3.40 4.40 3.20
CA SER A 24 -2.41 3.60 3.93
C SER A 24 -1.14 3.38 3.11
N LEU A 25 -1.29 3.02 1.83
CA LEU A 25 -0.18 2.94 0.89
C LEU A 25 0.42 4.33 0.66
N GLN A 26 -0.41 5.34 0.42
CA GLN A 26 0.03 6.69 0.03
C GLN A 26 0.90 7.36 1.10
N ALA A 27 0.63 7.08 2.38
CA ALA A 27 1.46 7.47 3.50
C ALA A 27 2.76 6.65 3.60
N HIS A 28 2.72 5.36 3.29
CA HIS A 28 3.92 4.50 3.22
C HIS A 28 4.92 4.96 2.15
N LEU A 29 4.46 5.56 1.04
CA LEU A 29 5.33 6.11 -0.02
C LEU A 29 6.32 7.17 0.49
N ARG A 30 6.00 7.85 1.60
CA ARG A 30 6.82 8.92 2.20
C ARG A 30 8.19 8.44 2.72
N ILE A 31 8.41 7.12 2.82
CA ILE A 31 9.74 6.53 3.09
C ILE A 31 10.58 6.34 1.80
N HIS A 32 9.90 6.19 0.66
CA HIS A 32 10.47 5.97 -0.67
C HIS A 32 10.69 7.27 -1.47
N THR A 33 9.91 8.32 -1.20
CA THR A 33 10.03 9.67 -1.79
C THR A 33 9.96 10.77 -0.74
N ASN A 34 10.72 11.84 -0.93
CA ASN A 34 10.77 13.02 -0.07
C ASN A 34 11.18 14.28 -0.86
N GLU A 35 10.91 15.48 -0.32
CA GLU A 35 11.35 16.75 -0.91
C GLU A 35 12.87 16.96 -0.77
N LYS A 36 13.50 17.54 -1.81
CA LYS A 36 14.95 17.82 -1.90
C LYS A 36 15.25 19.04 -2.78
N GLY A 1 -9.90 -16.83 17.31
CA GLY A 1 -10.05 -15.67 16.41
C GLY A 1 -10.62 -16.06 15.05
N SER A 2 -10.94 -15.07 14.23
CA SER A 2 -11.53 -15.25 12.89
C SER A 2 -10.56 -15.88 11.87
N SER A 3 -11.09 -16.58 10.87
CA SER A 3 -10.32 -17.32 9.84
C SER A 3 -9.67 -16.44 8.76
N GLY A 4 -10.01 -15.14 8.71
CA GLY A 4 -9.58 -14.20 7.67
C GLY A 4 -10.40 -14.29 6.38
N SER A 5 -10.24 -13.30 5.50
CA SER A 5 -10.95 -13.19 4.20
C SER A 5 -10.15 -12.39 3.15
N SER A 6 -10.47 -12.61 1.88
CA SER A 6 -9.88 -11.89 0.72
C SER A 6 -10.69 -10.63 0.35
N GLY A 7 -10.02 -9.66 -0.28
CA GLY A 7 -10.64 -8.39 -0.73
C GLY A 7 -9.67 -7.46 -1.45
N LYS A 8 -10.12 -6.26 -1.82
CA LYS A 8 -9.32 -5.23 -2.50
C LYS A 8 -8.19 -4.72 -1.62
N ILE A 9 -7.00 -4.65 -2.19
CA ILE A 9 -5.75 -4.18 -1.58
C ILE A 9 -5.02 -3.17 -2.50
N PHE A 10 -3.98 -2.53 -1.98
CA PHE A 10 -3.16 -1.54 -2.67
C PHE A 10 -1.68 -1.88 -2.49
N THR A 11 -0.90 -1.96 -3.58
CA THR A 11 0.50 -2.46 -3.57
C THR A 11 1.51 -1.34 -3.80
N CYS A 12 2.58 -1.35 -3.00
CA CYS A 12 3.74 -0.47 -3.14
C CYS A 12 4.57 -0.84 -4.38
N GLU A 13 4.76 0.11 -5.29
CA GLU A 13 5.58 -0.10 -6.49
C GLU A 13 7.10 -0.11 -6.21
N TYR A 14 7.51 0.22 -4.97
CA TYR A 14 8.90 0.39 -4.55
C TYR A 14 9.45 -0.79 -3.74
N CYS A 15 8.61 -1.44 -2.90
CA CYS A 15 8.97 -2.60 -2.08
C CYS A 15 7.99 -3.79 -2.12
N ASN A 16 6.93 -3.69 -2.93
CA ASN A 16 5.91 -4.74 -3.17
C ASN A 16 5.11 -5.19 -1.93
N LYS A 17 5.04 -4.35 -0.88
CA LYS A 17 4.14 -4.54 0.26
C LYS A 17 2.71 -4.15 -0.13
N VAL A 18 1.72 -4.87 0.41
CA VAL A 18 0.28 -4.56 0.26
C VAL A 18 -0.33 -3.93 1.51
N PHE A 19 -1.36 -3.12 1.28
CA PHE A 19 -2.15 -2.36 2.26
C PHE A 19 -3.66 -2.52 1.98
N LYS A 20 -4.49 -2.26 3.00
CA LYS A 20 -5.95 -2.45 2.94
C LYS A 20 -6.71 -1.29 2.31
N PHE A 21 -6.15 -0.08 2.37
CA PHE A 21 -6.77 1.17 1.94
C PHE A 21 -5.77 2.05 1.18
N LYS A 22 -6.26 2.90 0.29
CA LYS A 22 -5.42 3.76 -0.58
C LYS A 22 -4.54 4.70 0.24
N HIS A 23 -5.13 5.43 1.20
CA HIS A 23 -4.43 6.40 2.04
C HIS A 23 -3.32 5.77 2.90
N SER A 24 -3.43 4.47 3.20
CA SER A 24 -2.43 3.73 3.97
C SER A 24 -1.16 3.48 3.16
N LEU A 25 -1.32 3.08 1.89
CA LEU A 25 -0.20 2.99 0.95
C LEU A 25 0.39 4.38 0.68
N GLN A 26 -0.45 5.39 0.45
CA GLN A 26 0.00 6.73 0.04
C GLN A 26 0.89 7.41 1.11
N ALA A 27 0.61 7.14 2.39
CA ALA A 27 1.45 7.56 3.51
C ALA A 27 2.75 6.73 3.62
N HIS A 28 2.72 5.43 3.31
CA HIS A 28 3.91 4.60 3.26
C HIS A 28 4.90 5.05 2.16
N LEU A 29 4.43 5.64 1.06
CA LEU A 29 5.30 6.20 0.01
C LEU A 29 6.26 7.27 0.52
N ARG A 30 5.93 7.95 1.63
CA ARG A 30 6.76 9.01 2.23
C ARG A 30 8.15 8.53 2.70
N ILE A 31 8.38 7.22 2.83
CA ILE A 31 9.71 6.65 3.08
C ILE A 31 10.53 6.48 1.78
N HIS A 32 9.84 6.25 0.66
CA HIS A 32 10.41 6.02 -0.67
C HIS A 32 10.67 7.33 -1.44
N THR A 33 9.95 8.41 -1.14
CA THR A 33 10.23 9.78 -1.64
C THR A 33 11.50 10.38 -1.05
N ASN A 34 12.00 9.85 0.08
CA ASN A 34 13.19 10.29 0.81
C ASN A 34 13.17 11.80 1.18
N GLU A 35 12.00 12.30 1.59
CA GLU A 35 11.84 13.67 2.10
C GLU A 35 12.51 13.86 3.49
N LYS A 36 12.87 15.12 3.81
CA LYS A 36 13.58 15.52 5.04
C LYS A 36 13.05 16.84 5.60
N GLY A 1 -12.70 -23.40 -2.87
CA GLY A 1 -13.83 -22.47 -2.66
C GLY A 1 -13.38 -21.24 -1.88
N SER A 2 -13.72 -20.05 -2.37
CA SER A 2 -13.20 -18.75 -1.87
C SER A 2 -11.66 -18.70 -1.80
N SER A 3 -11.00 -19.32 -2.80
CA SER A 3 -9.56 -19.61 -2.82
C SER A 3 -8.66 -18.38 -3.07
N GLY A 4 -9.23 -17.25 -3.48
CA GLY A 4 -8.54 -15.98 -3.74
C GLY A 4 -9.49 -14.85 -4.17
N SER A 5 -8.93 -13.67 -4.41
CA SER A 5 -9.65 -12.46 -4.89
C SER A 5 -10.85 -12.04 -4.01
N SER A 6 -10.78 -12.28 -2.70
CA SER A 6 -11.85 -12.02 -1.72
C SER A 6 -12.02 -10.54 -1.33
N GLY A 7 -11.05 -9.69 -1.66
CA GLY A 7 -11.09 -8.24 -1.44
C GLY A 7 -9.92 -7.50 -2.12
N LYS A 8 -10.06 -6.19 -2.31
CA LYS A 8 -9.07 -5.33 -2.98
C LYS A 8 -8.03 -4.80 -1.99
N ILE A 9 -6.78 -4.77 -2.44
CA ILE A 9 -5.60 -4.25 -1.74
C ILE A 9 -4.82 -3.24 -2.61
N PHE A 10 -3.94 -2.48 -1.97
CA PHE A 10 -3.11 -1.45 -2.59
C PHE A 10 -1.63 -1.81 -2.42
N THR A 11 -0.87 -1.92 -3.52
CA THR A 11 0.52 -2.42 -3.53
C THR A 11 1.54 -1.31 -3.77
N CYS A 12 2.61 -1.30 -2.96
CA CYS A 12 3.77 -0.44 -3.12
C CYS A 12 4.60 -0.82 -4.37
N GLU A 13 4.80 0.14 -5.27
CA GLU A 13 5.61 -0.07 -6.47
C GLU A 13 7.13 -0.11 -6.20
N TYR A 14 7.54 0.20 -4.96
CA TYR A 14 8.94 0.33 -4.55
C TYR A 14 9.46 -0.88 -3.74
N CYS A 15 8.61 -1.50 -2.91
CA CYS A 15 8.97 -2.67 -2.08
C CYS A 15 7.93 -3.83 -2.11
N ASN A 16 6.85 -3.70 -2.89
CA ASN A 16 5.79 -4.71 -3.07
C ASN A 16 5.01 -5.09 -1.80
N LYS A 17 5.02 -4.23 -0.77
CA LYS A 17 4.15 -4.34 0.41
C LYS A 17 2.71 -3.97 0.06
N VAL A 18 1.74 -4.66 0.65
CA VAL A 18 0.29 -4.48 0.40
C VAL A 18 -0.45 -3.91 1.62
N PHE A 19 -1.43 -3.04 1.36
CA PHE A 19 -2.25 -2.32 2.33
C PHE A 19 -3.75 -2.46 2.01
N LYS A 20 -4.59 -2.21 3.02
CA LYS A 20 -6.05 -2.38 2.95
C LYS A 20 -6.79 -1.19 2.34
N PHE A 21 -6.19 0.01 2.41
CA PHE A 21 -6.78 1.28 2.00
C PHE A 21 -5.77 2.14 1.23
N LYS A 22 -6.27 3.04 0.37
CA LYS A 22 -5.44 3.92 -0.48
C LYS A 22 -4.51 4.81 0.34
N HIS A 23 -5.05 5.49 1.36
CA HIS A 23 -4.31 6.41 2.21
C HIS A 23 -3.20 5.73 3.03
N SER A 24 -3.34 4.43 3.30
CA SER A 24 -2.35 3.64 4.03
C SER A 24 -1.10 3.39 3.20
N LEU A 25 -1.29 3.04 1.91
CA LEU A 25 -0.18 2.97 0.96
C LEU A 25 0.43 4.35 0.71
N GLN A 26 -0.41 5.37 0.47
CA GLN A 26 0.05 6.71 0.05
C GLN A 26 0.94 7.40 1.11
N ALA A 27 0.69 7.13 2.39
CA ALA A 27 1.55 7.54 3.49
C ALA A 27 2.84 6.69 3.60
N HIS A 28 2.76 5.39 3.32
CA HIS A 28 3.95 4.51 3.26
C HIS A 28 4.94 4.95 2.16
N LEU A 29 4.46 5.54 1.05
CA LEU A 29 5.32 6.08 -0.02
C LEU A 29 6.32 7.13 0.49
N ARG A 30 6.01 7.83 1.58
CA ARG A 30 6.87 8.89 2.15
C ARG A 30 8.23 8.41 2.66
N ILE A 31 8.46 7.10 2.76
CA ILE A 31 9.79 6.51 3.03
C ILE A 31 10.62 6.31 1.73
N HIS A 32 9.93 6.19 0.59
CA HIS A 32 10.48 5.96 -0.74
C HIS A 32 10.66 7.25 -1.57
N THR A 33 9.83 8.28 -1.30
CA THR A 33 9.82 9.58 -2.00
C THR A 33 9.67 10.76 -1.03
N ASN A 34 9.89 11.98 -1.50
CA ASN A 34 9.78 13.24 -0.74
C ASN A 34 8.73 14.20 -1.35
N GLU A 35 8.19 15.09 -0.53
CA GLU A 35 7.20 16.10 -0.94
C GLU A 35 7.87 17.36 -1.54
N LYS A 36 7.12 18.10 -2.39
CA LYS A 36 7.58 19.27 -3.18
C LYS A 36 8.82 18.94 -4.04
N GLY A 1 -1.15 -16.71 -3.29
CA GLY A 1 -2.06 -15.84 -2.49
C GLY A 1 -2.12 -16.28 -1.03
N SER A 2 -3.12 -15.79 -0.29
CA SER A 2 -3.36 -16.11 1.12
C SER A 2 -4.85 -16.05 1.48
N SER A 3 -5.29 -16.91 2.40
CA SER A 3 -6.63 -16.86 3.01
C SER A 3 -6.86 -15.60 3.87
N GLY A 4 -5.78 -14.90 4.26
CA GLY A 4 -5.83 -13.62 4.98
C GLY A 4 -6.24 -12.41 4.11
N SER A 5 -6.30 -12.56 2.78
CA SER A 5 -6.72 -11.52 1.84
C SER A 5 -8.26 -11.39 1.81
N SER A 6 -8.83 -10.67 2.77
CA SER A 6 -10.27 -10.53 3.01
C SER A 6 -11.01 -9.59 2.05
N GLY A 7 -10.28 -8.83 1.22
CA GLY A 7 -10.83 -7.87 0.25
C GLY A 7 -9.78 -7.25 -0.68
N LYS A 8 -10.17 -6.20 -1.40
CA LYS A 8 -9.30 -5.45 -2.33
C LYS A 8 -8.17 -4.72 -1.58
N ILE A 9 -6.96 -4.78 -2.15
CA ILE A 9 -5.72 -4.24 -1.58
C ILE A 9 -5.04 -3.23 -2.51
N PHE A 10 -4.02 -2.55 -1.98
CA PHE A 10 -3.18 -1.55 -2.68
C PHE A 10 -1.70 -1.90 -2.50
N THR A 11 -0.93 -1.97 -3.59
CA THR A 11 0.46 -2.48 -3.59
C THR A 11 1.48 -1.37 -3.83
N CYS A 12 2.56 -1.37 -3.04
CA CYS A 12 3.72 -0.50 -3.20
C CYS A 12 4.52 -0.88 -4.45
N GLU A 13 4.75 0.08 -5.35
CA GLU A 13 5.57 -0.13 -6.54
C GLU A 13 7.09 -0.15 -6.26
N TYR A 14 7.49 0.21 -5.03
CA TYR A 14 8.90 0.37 -4.63
C TYR A 14 9.44 -0.81 -3.80
N CYS A 15 8.61 -1.44 -2.97
CA CYS A 15 8.97 -2.60 -2.13
C CYS A 15 7.97 -3.78 -2.14
N ASN A 16 6.91 -3.67 -2.94
CA ASN A 16 5.89 -4.72 -3.18
C ASN A 16 5.10 -5.18 -1.94
N LYS A 17 5.03 -4.35 -0.89
CA LYS A 17 4.13 -4.55 0.26
C LYS A 17 2.70 -4.16 -0.13
N VAL A 18 1.71 -4.87 0.41
CA VAL A 18 0.28 -4.57 0.26
C VAL A 18 -0.33 -3.93 1.51
N PHE A 19 -1.37 -3.12 1.29
CA PHE A 19 -2.16 -2.36 2.27
C PHE A 19 -3.65 -2.50 1.99
N LYS A 20 -4.49 -2.24 3.00
CA LYS A 20 -5.96 -2.42 2.94
C LYS A 20 -6.70 -1.23 2.31
N PHE A 21 -6.10 -0.04 2.33
CA PHE A 21 -6.70 1.22 1.91
C PHE A 21 -5.71 2.08 1.12
N LYS A 22 -6.22 2.94 0.22
CA LYS A 22 -5.41 3.82 -0.63
C LYS A 22 -4.52 4.75 0.20
N HIS A 23 -5.10 5.44 1.17
CA HIS A 23 -4.39 6.42 2.02
C HIS A 23 -3.28 5.77 2.88
N SER A 24 -3.41 4.48 3.18
CA SER A 24 -2.40 3.73 3.95
C SER A 24 -1.14 3.46 3.13
N LEU A 25 -1.31 3.07 1.87
CA LEU A 25 -0.19 2.98 0.92
C LEU A 25 0.40 4.37 0.66
N GLN A 26 -0.43 5.37 0.40
CA GLN A 26 0.02 6.72 0.00
C GLN A 26 0.88 7.39 1.07
N ALA A 27 0.60 7.14 2.34
CA ALA A 27 1.43 7.56 3.47
C ALA A 27 2.74 6.76 3.61
N HIS A 28 2.71 5.45 3.29
CA HIS A 28 3.92 4.62 3.23
C HIS A 28 4.91 5.08 2.14
N LEU A 29 4.43 5.64 1.02
CA LEU A 29 5.29 6.19 -0.05
C LEU A 29 6.27 7.26 0.45
N ARG A 30 5.94 7.95 1.54
CA ARG A 30 6.78 9.03 2.11
C ARG A 30 8.16 8.54 2.61
N ILE A 31 8.35 7.24 2.84
CA ILE A 31 9.67 6.64 3.11
C ILE A 31 10.48 6.47 1.83
N HIS A 32 9.82 6.20 0.69
CA HIS A 32 10.40 6.03 -0.63
C HIS A 32 10.74 7.39 -1.29
N THR A 33 9.98 8.45 -0.98
CA THR A 33 10.33 9.85 -1.34
C THR A 33 11.40 10.44 -0.39
N ASN A 34 11.74 9.72 0.68
CA ASN A 34 12.67 10.09 1.75
C ASN A 34 12.31 11.42 2.47
N GLU A 35 11.02 11.61 2.79
CA GLU A 35 10.51 12.75 3.59
C GLU A 35 9.97 12.33 4.98
N LYS A 36 9.93 11.01 5.26
CA LYS A 36 9.45 10.38 6.50
C LYS A 36 10.50 9.42 7.08
N GLY A 1 -10.38 -7.79 13.20
CA GLY A 1 -9.77 -8.00 11.87
C GLY A 1 -10.09 -6.86 10.92
N SER A 2 -10.27 -7.17 9.63
CA SER A 2 -10.63 -6.19 8.58
C SER A 2 -12.03 -5.59 8.76
N SER A 3 -12.26 -4.40 8.20
CA SER A 3 -13.56 -3.71 8.21
C SER A 3 -14.61 -4.39 7.30
N GLY A 4 -15.89 -4.11 7.54
CA GLY A 4 -17.04 -4.64 6.78
C GLY A 4 -17.22 -4.00 5.39
N SER A 5 -16.22 -4.17 4.52
CA SER A 5 -16.16 -3.61 3.15
C SER A 5 -15.52 -4.60 2.16
N SER A 6 -15.49 -4.25 0.88
CA SER A 6 -14.93 -5.07 -0.21
C SER A 6 -13.44 -5.40 -0.01
N GLY A 7 -13.02 -6.58 -0.48
CA GLY A 7 -11.65 -7.12 -0.30
C GLY A 7 -10.56 -6.50 -1.19
N LYS A 8 -10.58 -5.18 -1.37
CA LYS A 8 -9.56 -4.42 -2.10
C LYS A 8 -8.22 -4.41 -1.37
N ILE A 9 -7.14 -4.41 -2.15
CA ILE A 9 -5.75 -4.23 -1.70
C ILE A 9 -5.00 -3.26 -2.62
N PHE A 10 -3.93 -2.65 -2.07
CA PHE A 10 -3.08 -1.65 -2.72
C PHE A 10 -1.61 -2.01 -2.50
N THR A 11 -0.78 -1.99 -3.57
CA THR A 11 0.61 -2.48 -3.54
C THR A 11 1.63 -1.36 -3.78
N CYS A 12 2.70 -1.34 -2.99
CA CYS A 12 3.85 -0.46 -3.16
C CYS A 12 4.61 -0.80 -4.45
N GLU A 13 4.87 0.20 -5.29
CA GLU A 13 5.69 0.03 -6.49
C GLU A 13 7.20 0.00 -6.21
N TYR A 14 7.60 0.32 -4.97
CA TYR A 14 9.01 0.48 -4.57
C TYR A 14 9.56 -0.72 -3.76
N CYS A 15 8.71 -1.37 -2.93
CA CYS A 15 9.08 -2.55 -2.13
C CYS A 15 8.05 -3.71 -2.16
N ASN A 16 6.94 -3.54 -2.88
CA ASN A 16 5.87 -4.54 -3.07
C ASN A 16 5.14 -5.00 -1.80
N LYS A 17 5.13 -4.17 -0.75
CA LYS A 17 4.28 -4.33 0.45
C LYS A 17 2.84 -3.98 0.09
N VAL A 18 1.88 -4.71 0.68
CA VAL A 18 0.44 -4.55 0.42
C VAL A 18 -0.34 -4.01 1.62
N PHE A 19 -1.35 -3.19 1.32
CA PHE A 19 -2.21 -2.45 2.26
C PHE A 19 -3.68 -2.63 1.90
N LYS A 20 -4.58 -2.36 2.86
CA LYS A 20 -6.03 -2.58 2.74
C LYS A 20 -6.80 -1.39 2.16
N PHE A 21 -6.23 -0.20 2.25
CA PHE A 21 -6.84 1.08 1.85
C PHE A 21 -5.84 1.94 1.08
N LYS A 22 -6.32 2.85 0.23
CA LYS A 22 -5.47 3.67 -0.64
C LYS A 22 -4.54 4.59 0.18
N HIS A 23 -5.12 5.36 1.09
CA HIS A 23 -4.38 6.31 1.94
C HIS A 23 -3.30 5.64 2.81
N SER A 24 -3.49 4.37 3.14
CA SER A 24 -2.53 3.56 3.91
C SER A 24 -1.23 3.32 3.13
N LEU A 25 -1.35 2.95 1.85
CA LEU A 25 -0.22 2.89 0.93
C LEU A 25 0.37 4.28 0.70
N GLN A 26 -0.46 5.30 0.47
CA GLN A 26 0.00 6.66 0.10
C GLN A 26 0.90 7.27 1.20
N ALA A 27 0.59 7.00 2.46
CA ALA A 27 1.42 7.36 3.61
C ALA A 27 2.72 6.56 3.69
N HIS A 28 2.70 5.27 3.32
CA HIS A 28 3.90 4.44 3.23
C HIS A 28 4.89 4.94 2.16
N LEU A 29 4.41 5.55 1.07
CA LEU A 29 5.28 6.11 0.01
C LEU A 29 6.25 7.19 0.53
N ARG A 30 5.91 7.86 1.64
CA ARG A 30 6.73 8.93 2.25
C ARG A 30 8.12 8.47 2.72
N ILE A 31 8.37 7.16 2.83
CA ILE A 31 9.71 6.59 3.09
C ILE A 31 10.54 6.42 1.81
N HIS A 32 9.87 6.30 0.65
CA HIS A 32 10.43 6.07 -0.68
C HIS A 32 10.64 7.36 -1.49
N THR A 33 9.91 8.44 -1.19
CA THR A 33 10.04 9.75 -1.86
C THR A 33 11.38 10.43 -1.59
N ASN A 34 11.89 11.18 -2.58
CA ASN A 34 13.11 11.98 -2.49
C ASN A 34 12.80 13.42 -2.02
N GLU A 35 12.29 13.54 -0.78
CA GLU A 35 11.81 14.80 -0.19
C GLU A 35 12.23 14.92 1.30
N LYS A 36 12.50 16.15 1.75
CA LYS A 36 12.89 16.50 3.13
C LYS A 36 12.29 17.85 3.59
N GLY A 1 -17.11 -10.55 -16.62
CA GLY A 1 -16.45 -10.11 -15.37
C GLY A 1 -15.86 -11.29 -14.61
N SER A 2 -15.65 -11.13 -13.30
CA SER A 2 -15.13 -12.17 -12.39
C SER A 2 -16.21 -13.22 -11.99
N SER A 3 -15.76 -14.37 -11.49
CA SER A 3 -16.63 -15.47 -11.03
C SER A 3 -17.24 -15.26 -9.63
N GLY A 4 -16.73 -14.29 -8.86
CA GLY A 4 -17.21 -13.94 -7.52
C GLY A 4 -16.40 -12.82 -6.85
N SER A 5 -16.92 -12.29 -5.74
CA SER A 5 -16.31 -11.19 -4.98
C SER A 5 -15.03 -11.59 -4.24
N SER A 6 -14.11 -10.63 -4.07
CA SER A 6 -12.84 -10.79 -3.31
C SER A 6 -12.41 -9.45 -2.67
N GLY A 7 -11.56 -9.51 -1.64
CA GLY A 7 -11.05 -8.33 -0.92
C GLY A 7 -10.09 -7.48 -1.78
N LYS A 8 -10.20 -6.14 -1.66
CA LYS A 8 -9.40 -5.16 -2.41
C LYS A 8 -8.13 -4.80 -1.63
N ILE A 9 -6.99 -4.72 -2.33
CA ILE A 9 -5.67 -4.33 -1.80
C ILE A 9 -4.99 -3.26 -2.67
N PHE A 10 -4.00 -2.59 -2.10
CA PHE A 10 -3.13 -1.59 -2.71
C PHE A 10 -1.66 -1.97 -2.50
N THR A 11 -0.83 -1.95 -3.54
CA THR A 11 0.56 -2.45 -3.51
C THR A 11 1.58 -1.34 -3.77
N CYS A 12 2.64 -1.29 -2.96
CA CYS A 12 3.77 -0.41 -3.11
C CYS A 12 4.60 -0.76 -4.37
N GLU A 13 4.78 0.21 -5.26
CA GLU A 13 5.58 0.03 -6.49
C GLU A 13 7.10 0.00 -6.22
N TYR A 14 7.53 0.29 -4.98
CA TYR A 14 8.93 0.44 -4.58
C TYR A 14 9.47 -0.76 -3.79
N CYS A 15 8.64 -1.41 -2.96
CA CYS A 15 9.01 -2.59 -2.16
C CYS A 15 7.99 -3.76 -2.16
N ASN A 16 6.89 -3.63 -2.91
CA ASN A 16 5.83 -4.63 -3.07
C ASN A 16 5.08 -5.01 -1.78
N LYS A 17 5.10 -4.15 -0.75
CA LYS A 17 4.25 -4.26 0.45
C LYS A 17 2.80 -3.91 0.11
N VAL A 18 1.86 -4.60 0.74
CA VAL A 18 0.41 -4.49 0.48
C VAL A 18 -0.39 -3.93 1.66
N PHE A 19 -1.41 -3.14 1.33
CA PHE A 19 -2.28 -2.40 2.25
C PHE A 19 -3.76 -2.58 1.87
N LYS A 20 -4.66 -2.26 2.82
CA LYS A 20 -6.11 -2.47 2.69
C LYS A 20 -6.87 -1.27 2.10
N PHE A 21 -6.29 -0.07 2.20
CA PHE A 21 -6.88 1.20 1.79
C PHE A 21 -5.84 2.08 1.08
N LYS A 22 -6.31 3.00 0.23
CA LYS A 22 -5.42 3.84 -0.61
C LYS A 22 -4.50 4.73 0.24
N HIS A 23 -5.07 5.50 1.17
CA HIS A 23 -4.33 6.43 2.02
C HIS A 23 -3.26 5.75 2.88
N SER A 24 -3.46 4.48 3.22
CA SER A 24 -2.51 3.66 4.00
C SER A 24 -1.22 3.39 3.22
N LEU A 25 -1.34 3.04 1.94
CA LEU A 25 -0.21 2.96 1.02
C LEU A 25 0.40 4.34 0.79
N GLN A 26 -0.42 5.37 0.55
CA GLN A 26 0.07 6.73 0.20
C GLN A 26 0.98 7.32 1.29
N ALA A 27 0.67 7.06 2.56
CA ALA A 27 1.51 7.42 3.70
C ALA A 27 2.80 6.60 3.78
N HIS A 28 2.75 5.30 3.41
CA HIS A 28 3.93 4.46 3.31
C HIS A 28 4.92 4.94 2.22
N LEU A 29 4.43 5.56 1.14
CA LEU A 29 5.28 6.10 0.07
C LEU A 29 6.29 7.15 0.55
N ARG A 30 6.00 7.85 1.66
CA ARG A 30 6.86 8.91 2.21
C ARG A 30 8.27 8.41 2.62
N ILE A 31 8.46 7.12 2.81
CA ILE A 31 9.78 6.50 3.05
C ILE A 31 10.60 6.32 1.76
N HIS A 32 9.91 6.26 0.62
CA HIS A 32 10.45 6.04 -0.72
C HIS A 32 10.62 7.34 -1.54
N THR A 33 9.85 8.39 -1.25
CA THR A 33 9.91 9.69 -1.96
C THR A 33 11.19 10.50 -1.65
N ASN A 34 11.75 10.36 -0.45
CA ASN A 34 12.94 11.08 -0.01
C ASN A 34 14.25 10.48 -0.57
N GLU A 35 15.28 11.31 -0.72
CA GLU A 35 16.54 10.98 -1.43
C GLU A 35 17.60 10.34 -0.50
N LYS A 36 17.26 9.17 0.07
CA LYS A 36 18.13 8.35 0.95
C LYS A 36 18.26 6.90 0.46
N GLY A 1 -4.41 -24.72 0.47
CA GLY A 1 -4.42 -23.33 0.97
C GLY A 1 -4.66 -22.32 -0.14
N SER A 2 -5.10 -21.11 0.23
CA SER A 2 -5.41 -20.01 -0.71
C SER A 2 -4.17 -19.46 -1.43
N SER A 3 -4.34 -18.99 -2.66
CA SER A 3 -3.28 -18.41 -3.51
C SER A 3 -2.91 -16.96 -3.17
N GLY A 4 -3.73 -16.28 -2.36
CA GLY A 4 -3.52 -14.89 -1.91
C GLY A 4 -4.59 -14.42 -0.91
N SER A 5 -4.53 -13.15 -0.51
CA SER A 5 -5.48 -12.51 0.40
C SER A 5 -6.82 -12.16 -0.28
N SER A 6 -7.88 -12.04 0.52
CA SER A 6 -9.24 -11.71 0.07
C SER A 6 -9.50 -10.20 0.04
N GLY A 7 -10.44 -9.75 -0.81
CA GLY A 7 -10.79 -8.34 -1.01
C GLY A 7 -9.76 -7.53 -1.81
N LYS A 8 -10.07 -6.25 -2.07
CA LYS A 8 -9.20 -5.32 -2.81
C LYS A 8 -8.11 -4.73 -1.90
N ILE A 9 -6.88 -4.71 -2.41
CA ILE A 9 -5.68 -4.22 -1.74
C ILE A 9 -4.93 -3.20 -2.60
N PHE A 10 -3.96 -2.51 -2.00
CA PHE A 10 -3.11 -1.48 -2.62
C PHE A 10 -1.63 -1.84 -2.44
N THR A 11 -0.86 -1.92 -3.53
CA THR A 11 0.53 -2.42 -3.52
C THR A 11 1.55 -1.31 -3.76
N CYS A 12 2.62 -1.29 -2.96
CA CYS A 12 3.78 -0.43 -3.11
C CYS A 12 4.59 -0.80 -4.36
N GLU A 13 4.79 0.16 -5.27
CA GLU A 13 5.60 -0.04 -6.48
C GLU A 13 7.11 -0.08 -6.19
N TYR A 14 7.54 0.23 -4.97
CA TYR A 14 8.93 0.37 -4.56
C TYR A 14 9.46 -0.83 -3.75
N CYS A 15 8.62 -1.47 -2.92
CA CYS A 15 8.97 -2.64 -2.10
C CYS A 15 7.95 -3.80 -2.12
N ASN A 16 6.87 -3.68 -2.90
CA ASN A 16 5.81 -4.69 -3.08
C ASN A 16 5.03 -5.09 -1.81
N LYS A 17 5.03 -4.22 -0.78
CA LYS A 17 4.17 -4.33 0.41
C LYS A 17 2.72 -3.98 0.05
N VAL A 18 1.76 -4.69 0.63
CA VAL A 18 0.31 -4.51 0.39
C VAL A 18 -0.43 -3.95 1.61
N PHE A 19 -1.43 -3.11 1.34
CA PHE A 19 -2.25 -2.39 2.31
C PHE A 19 -3.75 -2.53 1.99
N LYS A 20 -4.60 -2.26 2.98
CA LYS A 20 -6.07 -2.43 2.90
C LYS A 20 -6.80 -1.24 2.29
N PHE A 21 -6.21 -0.04 2.38
CA PHE A 21 -6.80 1.24 1.96
C PHE A 21 -5.79 2.09 1.18
N LYS A 22 -6.30 3.00 0.33
CA LYS A 22 -5.47 3.87 -0.51
C LYS A 22 -4.55 4.78 0.33
N HIS A 23 -5.11 5.45 1.33
CA HIS A 23 -4.37 6.38 2.19
C HIS A 23 -3.28 5.70 3.02
N SER A 24 -3.41 4.39 3.29
CA SER A 24 -2.42 3.60 4.02
C SER A 24 -1.16 3.39 3.19
N LEU A 25 -1.31 3.02 1.92
CA LEU A 25 -0.20 2.95 0.97
C LEU A 25 0.40 4.34 0.74
N GLN A 26 -0.44 5.35 0.50
CA GLN A 26 0.00 6.70 0.09
C GLN A 26 0.88 7.37 1.16
N ALA A 27 0.63 7.09 2.44
CA ALA A 27 1.49 7.49 3.56
C ALA A 27 2.79 6.66 3.64
N HIS A 28 2.73 5.36 3.35
CA HIS A 28 3.93 4.51 3.28
C HIS A 28 4.91 4.96 2.18
N LEU A 29 4.43 5.55 1.07
CA LEU A 29 5.28 6.10 0.01
C LEU A 29 6.27 7.17 0.51
N ARG A 30 5.94 7.87 1.61
CA ARG A 30 6.77 8.96 2.18
C ARG A 30 8.18 8.51 2.63
N ILE A 31 8.42 7.20 2.77
CA ILE A 31 9.76 6.64 3.02
C ILE A 31 10.57 6.47 1.72
N HIS A 32 9.88 6.26 0.59
CA HIS A 32 10.43 6.02 -0.74
C HIS A 32 10.63 7.31 -1.56
N THR A 33 9.89 8.39 -1.24
CA THR A 33 10.06 9.73 -1.87
C THR A 33 11.35 10.45 -1.45
N ASN A 34 12.00 10.03 -0.37
CA ASN A 34 13.22 10.63 0.15
C ASN A 34 14.42 10.48 -0.81
N GLU A 35 15.21 11.54 -0.97
CA GLU A 35 16.39 11.59 -1.84
C GLU A 35 17.45 12.55 -1.27
N LYS A 36 18.74 12.21 -1.40
CA LYS A 36 19.91 12.98 -0.95
C LYS A 36 21.00 13.05 -2.03
N GLY A 1 -24.53 -7.76 -0.70
CA GLY A 1 -24.71 -6.30 -0.60
C GLY A 1 -24.77 -5.63 -1.96
N SER A 2 -24.34 -4.36 -2.04
CA SER A 2 -24.26 -3.59 -3.28
C SER A 2 -23.07 -3.99 -4.17
N SER A 3 -23.13 -3.67 -5.47
CA SER A 3 -22.11 -4.00 -6.46
C SER A 3 -20.79 -3.23 -6.22
N GLY A 4 -19.66 -3.93 -6.35
CA GLY A 4 -18.31 -3.37 -6.16
C GLY A 4 -17.22 -4.45 -6.02
N SER A 5 -15.98 -4.01 -5.80
CA SER A 5 -14.81 -4.88 -5.60
C SER A 5 -14.87 -5.64 -4.26
N SER A 6 -14.21 -6.81 -4.20
CA SER A 6 -14.05 -7.64 -2.99
C SER A 6 -12.62 -8.21 -2.90
N GLY A 7 -12.11 -8.39 -1.68
CA GLY A 7 -10.72 -8.81 -1.43
C GLY A 7 -9.68 -7.77 -1.84
N LYS A 8 -10.07 -6.49 -1.91
CA LYS A 8 -9.27 -5.41 -2.50
C LYS A 8 -8.10 -5.00 -1.61
N ILE A 9 -6.99 -4.69 -2.27
CA ILE A 9 -5.69 -4.28 -1.70
C ILE A 9 -4.99 -3.23 -2.59
N PHE A 10 -4.03 -2.51 -2.00
CA PHE A 10 -3.16 -1.53 -2.65
C PHE A 10 -1.69 -1.92 -2.45
N THR A 11 -0.88 -1.94 -3.51
CA THR A 11 0.50 -2.45 -3.50
C THR A 11 1.52 -1.34 -3.78
N CYS A 12 2.61 -1.32 -3.00
CA CYS A 12 3.77 -0.45 -3.21
C CYS A 12 4.51 -0.81 -4.49
N GLU A 13 4.78 0.18 -5.34
CA GLU A 13 5.58 0.00 -6.55
C GLU A 13 7.09 -0.04 -6.28
N TYR A 14 7.52 0.29 -5.05
CA TYR A 14 8.92 0.44 -4.66
C TYR A 14 9.47 -0.76 -3.85
N CYS A 15 8.63 -1.40 -3.02
CA CYS A 15 9.00 -2.58 -2.22
C CYS A 15 7.95 -3.74 -2.22
N ASN A 16 6.83 -3.55 -2.93
CA ASN A 16 5.73 -4.52 -3.08
C ASN A 16 5.03 -4.96 -1.78
N LYS A 17 5.06 -4.10 -0.75
CA LYS A 17 4.24 -4.23 0.47
C LYS A 17 2.78 -3.88 0.14
N VAL A 18 1.83 -4.56 0.78
CA VAL A 18 0.39 -4.46 0.51
C VAL A 18 -0.40 -3.90 1.70
N PHE A 19 -1.41 -3.10 1.39
CA PHE A 19 -2.26 -2.34 2.31
C PHE A 19 -3.74 -2.50 1.95
N LYS A 20 -4.62 -2.21 2.92
CA LYS A 20 -6.07 -2.42 2.81
C LYS A 20 -6.85 -1.23 2.22
N PHE A 21 -6.27 -0.02 2.31
CA PHE A 21 -6.86 1.24 1.88
C PHE A 21 -5.85 2.11 1.14
N LYS A 22 -6.33 3.02 0.27
CA LYS A 22 -5.47 3.87 -0.56
C LYS A 22 -4.55 4.76 0.28
N HIS A 23 -5.12 5.46 1.25
CA HIS A 23 -4.37 6.38 2.12
C HIS A 23 -3.27 5.69 2.95
N SER A 24 -3.42 4.39 3.21
CA SER A 24 -2.43 3.59 3.93
C SER A 24 -1.17 3.34 3.11
N LEU A 25 -1.32 3.01 1.83
CA LEU A 25 -0.22 2.95 0.87
C LEU A 25 0.38 4.34 0.65
N GLN A 26 -0.45 5.36 0.45
CA GLN A 26 0.01 6.72 0.08
C GLN A 26 0.89 7.35 1.16
N ALA A 27 0.62 7.05 2.43
CA ALA A 27 1.45 7.42 3.57
C ALA A 27 2.75 6.61 3.64
N HIS A 28 2.72 5.32 3.29
CA HIS A 28 3.92 4.47 3.20
C HIS A 28 4.92 4.97 2.14
N LEU A 29 4.44 5.59 1.05
CA LEU A 29 5.32 6.16 0.00
C LEU A 29 6.30 7.23 0.53
N ARG A 30 5.97 7.88 1.65
CA ARG A 30 6.79 8.92 2.28
C ARG A 30 8.18 8.43 2.76
N ILE A 31 8.40 7.11 2.84
CA ILE A 31 9.73 6.51 3.10
C ILE A 31 10.56 6.35 1.82
N HIS A 32 9.89 6.23 0.67
CA HIS A 32 10.47 6.01 -0.66
C HIS A 32 10.75 7.31 -1.43
N THR A 33 10.02 8.40 -1.13
CA THR A 33 10.24 9.73 -1.72
C THR A 33 11.63 10.29 -1.37
N ASN A 34 12.36 10.76 -2.39
CA ASN A 34 13.78 11.15 -2.30
C ASN A 34 14.13 12.45 -3.05
N GLU A 35 13.14 13.28 -3.39
CA GLU A 35 13.34 14.56 -4.09
C GLU A 35 14.00 15.62 -3.19
N LYS A 36 14.82 16.49 -3.79
CA LYS A 36 15.63 17.53 -3.11
C LYS A 36 14.88 18.86 -2.94
N GLY A 1 -27.33 -6.52 8.29
CA GLY A 1 -26.22 -7.09 7.50
C GLY A 1 -25.91 -6.25 6.27
N SER A 2 -24.77 -6.54 5.62
CA SER A 2 -24.26 -5.80 4.45
C SER A 2 -23.79 -6.76 3.34
N SER A 3 -23.83 -6.28 2.09
CA SER A 3 -23.52 -7.05 0.86
C SER A 3 -22.67 -6.26 -0.13
N GLY A 4 -22.00 -6.97 -1.05
CA GLY A 4 -21.21 -6.37 -2.15
C GLY A 4 -19.79 -5.90 -1.78
N SER A 5 -19.34 -6.15 -0.54
CA SER A 5 -17.96 -5.87 -0.09
C SER A 5 -16.96 -6.93 -0.61
N SER A 6 -15.69 -6.55 -0.77
CA SER A 6 -14.60 -7.40 -1.27
C SER A 6 -13.24 -7.09 -0.63
N GLY A 7 -12.33 -8.07 -0.67
CA GLY A 7 -10.97 -7.99 -0.10
C GLY A 7 -9.97 -7.22 -0.98
N LYS A 8 -10.33 -6.02 -1.44
CA LYS A 8 -9.49 -5.16 -2.29
C LYS A 8 -8.22 -4.72 -1.54
N ILE A 9 -7.09 -4.70 -2.26
CA ILE A 9 -5.76 -4.31 -1.78
C ILE A 9 -5.08 -3.28 -2.69
N PHE A 10 -4.09 -2.60 -2.12
CA PHE A 10 -3.19 -1.64 -2.77
C PHE A 10 -1.73 -2.09 -2.57
N THR A 11 -0.87 -2.03 -3.59
CA THR A 11 0.52 -2.53 -3.54
C THR A 11 1.55 -1.42 -3.79
N CYS A 12 2.61 -1.39 -2.99
CA CYS A 12 3.75 -0.49 -3.13
C CYS A 12 4.59 -0.86 -4.37
N GLU A 13 4.78 0.09 -5.27
CA GLU A 13 5.60 -0.11 -6.48
C GLU A 13 7.12 -0.11 -6.19
N TYR A 14 7.53 0.22 -4.96
CA TYR A 14 8.92 0.40 -4.55
C TYR A 14 9.48 -0.79 -3.74
N CYS A 15 8.65 -1.44 -2.91
CA CYS A 15 9.03 -2.60 -2.08
C CYS A 15 8.04 -3.80 -2.12
N ASN A 16 6.96 -3.69 -2.92
CA ASN A 16 5.94 -4.74 -3.13
C ASN A 16 5.17 -5.17 -1.86
N LYS A 17 5.11 -4.31 -0.83
CA LYS A 17 4.21 -4.49 0.33
C LYS A 17 2.77 -4.13 -0.05
N VAL A 18 1.81 -4.85 0.51
CA VAL A 18 0.37 -4.62 0.32
C VAL A 18 -0.30 -3.97 1.54
N PHE A 19 -1.36 -3.21 1.26
CA PHE A 19 -2.19 -2.44 2.20
C PHE A 19 -3.68 -2.59 1.86
N LYS A 20 -4.55 -2.24 2.82
CA LYS A 20 -6.02 -2.41 2.72
C LYS A 20 -6.74 -1.19 2.15
N PHE A 21 -6.15 0.00 2.25
CA PHE A 21 -6.74 1.28 1.86
C PHE A 21 -5.72 2.15 1.09
N LYS A 22 -6.23 3.06 0.26
CA LYS A 22 -5.40 3.95 -0.58
C LYS A 22 -4.49 4.84 0.27
N HIS A 23 -5.06 5.53 1.26
CA HIS A 23 -4.34 6.45 2.13
C HIS A 23 -3.25 5.76 2.98
N SER A 24 -3.41 4.47 3.24
CA SER A 24 -2.43 3.66 3.99
C SER A 24 -1.15 3.44 3.18
N LEU A 25 -1.30 3.08 1.89
CA LEU A 25 -0.17 2.98 0.96
C LEU A 25 0.43 4.37 0.71
N GLN A 26 -0.40 5.38 0.47
CA GLN A 26 0.04 6.73 0.07
C GLN A 26 0.91 7.40 1.14
N ALA A 27 0.64 7.13 2.41
CA ALA A 27 1.49 7.54 3.53
C ALA A 27 2.78 6.72 3.65
N HIS A 28 2.75 5.42 3.33
CA HIS A 28 3.94 4.58 3.27
C HIS A 28 4.94 5.03 2.18
N LEU A 29 4.47 5.62 1.07
CA LEU A 29 5.34 6.19 0.02
C LEU A 29 6.31 7.25 0.54
N ARG A 30 5.98 7.92 1.66
CA ARG A 30 6.81 8.97 2.29
C ARG A 30 8.19 8.48 2.77
N ILE A 31 8.42 7.16 2.83
CA ILE A 31 9.75 6.57 3.09
C ILE A 31 10.58 6.40 1.80
N HIS A 32 9.90 6.28 0.66
CA HIS A 32 10.46 6.02 -0.68
C HIS A 32 10.72 7.30 -1.49
N THR A 33 9.98 8.39 -1.22
CA THR A 33 10.12 9.70 -1.88
C THR A 33 10.25 10.86 -0.88
N ASN A 34 10.86 11.97 -1.31
CA ASN A 34 11.21 13.11 -0.47
C ASN A 34 10.06 14.12 -0.28
N GLU A 35 10.09 14.86 0.83
CA GLU A 35 9.18 15.98 1.12
C GLU A 35 9.75 17.32 0.61
N LYS A 36 8.87 18.30 0.32
CA LYS A 36 9.22 19.66 -0.14
C LYS A 36 8.49 20.75 0.67
N GLY A 1 -10.35 -17.83 0.91
CA GLY A 1 -9.37 -17.65 2.00
C GLY A 1 -10.00 -17.02 3.24
N SER A 2 -9.21 -16.82 4.29
CA SER A 2 -9.66 -16.28 5.59
C SER A 2 -9.85 -14.76 5.60
N SER A 3 -9.14 -14.04 4.74
CA SER A 3 -9.22 -12.57 4.57
C SER A 3 -8.82 -12.14 3.14
N GLY A 4 -9.32 -10.99 2.69
CA GLY A 4 -8.98 -10.35 1.41
C GLY A 4 -9.63 -10.96 0.15
N SER A 5 -10.23 -12.17 0.24
CA SER A 5 -10.90 -12.83 -0.89
C SER A 5 -12.07 -12.00 -1.43
N SER A 6 -12.08 -11.75 -2.74
CA SER A 6 -13.00 -10.84 -3.45
C SER A 6 -13.05 -9.39 -2.93
N GLY A 7 -12.05 -8.99 -2.14
CA GLY A 7 -11.87 -7.61 -1.61
C GLY A 7 -10.99 -6.73 -2.50
N LYS A 8 -10.38 -5.71 -1.88
CA LYS A 8 -9.41 -4.79 -2.49
C LYS A 8 -8.14 -4.69 -1.65
N ILE A 9 -6.99 -4.64 -2.32
CA ILE A 9 -5.65 -4.34 -1.75
C ILE A 9 -4.95 -3.26 -2.57
N PHE A 10 -3.97 -2.59 -1.96
CA PHE A 10 -3.12 -1.57 -2.57
C PHE A 10 -1.64 -1.95 -2.37
N THR A 11 -0.85 -1.98 -3.46
CA THR A 11 0.53 -2.49 -3.46
C THR A 11 1.55 -1.39 -3.75
N CYS A 12 2.65 -1.35 -2.98
CA CYS A 12 3.80 -0.49 -3.21
C CYS A 12 4.54 -0.86 -4.50
N GLU A 13 4.80 0.14 -5.35
CA GLU A 13 5.60 -0.06 -6.57
C GLU A 13 7.12 -0.11 -6.30
N TYR A 14 7.54 0.24 -5.08
CA TYR A 14 8.95 0.39 -4.70
C TYR A 14 9.50 -0.80 -3.87
N CYS A 15 8.66 -1.42 -3.02
CA CYS A 15 9.03 -2.58 -2.21
C CYS A 15 7.98 -3.73 -2.17
N ASN A 16 6.86 -3.58 -2.89
CA ASN A 16 5.77 -4.55 -3.03
C ASN A 16 5.07 -4.98 -1.73
N LYS A 17 5.08 -4.10 -0.71
CA LYS A 17 4.26 -4.23 0.50
C LYS A 17 2.81 -3.91 0.16
N VAL A 18 1.86 -4.60 0.80
CA VAL A 18 0.42 -4.50 0.54
C VAL A 18 -0.38 -3.98 1.74
N PHE A 19 -1.39 -3.17 1.44
CA PHE A 19 -2.25 -2.46 2.38
C PHE A 19 -3.74 -2.61 2.03
N LYS A 20 -4.61 -2.28 2.99
CA LYS A 20 -6.07 -2.42 2.90
C LYS A 20 -6.77 -1.26 2.15
N PHE A 21 -6.20 -0.06 2.22
CA PHE A 21 -6.80 1.18 1.74
C PHE A 21 -5.77 2.07 1.03
N LYS A 22 -6.25 2.98 0.16
CA LYS A 22 -5.41 3.88 -0.63
C LYS A 22 -4.51 4.76 0.24
N HIS A 23 -5.09 5.41 1.25
CA HIS A 23 -4.38 6.32 2.15
C HIS A 23 -3.28 5.63 2.98
N SER A 24 -3.44 4.32 3.21
CA SER A 24 -2.44 3.51 3.94
C SER A 24 -1.17 3.31 3.12
N LEU A 25 -1.32 2.96 1.85
CA LEU A 25 -0.20 2.89 0.90
C LEU A 25 0.40 4.28 0.68
N GLN A 26 -0.43 5.30 0.46
CA GLN A 26 0.03 6.65 0.08
C GLN A 26 0.90 7.31 1.17
N ALA A 27 0.61 7.00 2.43
CA ALA A 27 1.43 7.38 3.58
C ALA A 27 2.74 6.57 3.69
N HIS A 28 2.73 5.30 3.30
CA HIS A 28 3.94 4.47 3.23
C HIS A 28 4.91 4.97 2.15
N LEU A 29 4.42 5.54 1.04
CA LEU A 29 5.27 6.09 -0.04
C LEU A 29 6.26 7.16 0.44
N ARG A 30 5.93 7.87 1.53
CA ARG A 30 6.79 8.93 2.08
C ARG A 30 8.19 8.45 2.50
N ILE A 31 8.38 7.14 2.76
CA ILE A 31 9.71 6.57 3.04
C ILE A 31 10.55 6.40 1.75
N HIS A 32 9.86 6.24 0.61
CA HIS A 32 10.44 6.09 -0.72
C HIS A 32 10.67 7.44 -1.44
N THR A 33 9.88 8.48 -1.12
CA THR A 33 10.10 9.86 -1.63
C THR A 33 11.24 10.60 -0.92
N ASN A 34 11.48 10.31 0.37
CA ASN A 34 12.46 10.99 1.21
C ASN A 34 13.92 10.61 0.87
N GLU A 35 14.83 11.58 0.98
CA GLU A 35 16.29 11.44 0.84
C GLU A 35 17.04 12.23 1.92
N LYS A 36 18.29 11.84 2.19
CA LYS A 36 19.22 12.43 3.20
C LYS A 36 18.60 12.53 4.61
N GLY A 1 -17.43 -16.39 11.83
CA GLY A 1 -16.76 -16.49 10.51
C GLY A 1 -15.29 -16.85 10.66
N SER A 2 -14.67 -17.28 9.55
CA SER A 2 -13.24 -17.62 9.47
C SER A 2 -12.34 -16.39 9.32
N SER A 3 -11.02 -16.58 9.44
CA SER A 3 -10.00 -15.51 9.33
C SER A 3 -9.75 -15.00 7.90
N GLY A 4 -10.29 -15.67 6.88
CA GLY A 4 -10.16 -15.29 5.46
C GLY A 4 -10.95 -14.03 5.08
N SER A 5 -10.54 -13.37 3.99
CA SER A 5 -11.17 -12.16 3.44
C SER A 5 -11.02 -12.05 1.91
N SER A 6 -11.87 -11.23 1.29
CA SER A 6 -11.96 -11.03 -0.18
C SER A 6 -11.83 -9.57 -0.63
N GLY A 7 -11.49 -8.64 0.29
CA GLY A 7 -11.39 -7.21 0.02
C GLY A 7 -10.24 -6.80 -0.91
N LYS A 8 -10.42 -5.68 -1.62
CA LYS A 8 -9.43 -5.10 -2.55
C LYS A 8 -8.28 -4.43 -1.78
N ILE A 9 -7.06 -4.62 -2.28
CA ILE A 9 -5.79 -4.15 -1.68
C ILE A 9 -5.03 -3.20 -2.60
N PHE A 10 -4.05 -2.50 -2.03
CA PHE A 10 -3.15 -1.55 -2.70
C PHE A 10 -1.69 -1.94 -2.48
N THR A 11 -0.86 -1.92 -3.52
CA THR A 11 0.53 -2.44 -3.51
C THR A 11 1.56 -1.35 -3.76
N CYS A 12 2.64 -1.36 -2.97
CA CYS A 12 3.81 -0.49 -3.14
C CYS A 12 4.59 -0.84 -4.42
N GLU A 13 4.81 0.15 -5.29
CA GLU A 13 5.61 -0.04 -6.51
C GLU A 13 7.13 -0.05 -6.22
N TYR A 14 7.54 0.27 -4.99
CA TYR A 14 8.94 0.44 -4.59
C TYR A 14 9.50 -0.74 -3.75
N CYS A 15 8.65 -1.41 -2.95
CA CYS A 15 9.04 -2.57 -2.12
C CYS A 15 8.00 -3.73 -2.12
N ASN A 16 6.89 -3.58 -2.84
CA ASN A 16 5.85 -4.59 -3.05
C ASN A 16 5.09 -5.07 -1.80
N LYS A 17 5.05 -4.24 -0.76
CA LYS A 17 4.18 -4.41 0.42
C LYS A 17 2.74 -4.05 0.05
N VAL A 18 1.77 -4.78 0.62
CA VAL A 18 0.33 -4.57 0.38
C VAL A 18 -0.39 -3.99 1.61
N PHE A 19 -1.40 -3.17 1.33
CA PHE A 19 -2.21 -2.41 2.29
C PHE A 19 -3.71 -2.55 2.00
N LYS A 20 -4.53 -2.35 3.03
CA LYS A 20 -5.99 -2.53 2.99
C LYS A 20 -6.75 -1.35 2.36
N PHE A 21 -6.14 -0.16 2.36
CA PHE A 21 -6.72 1.11 1.91
C PHE A 21 -5.70 1.93 1.12
N LYS A 22 -6.19 2.80 0.23
CA LYS A 22 -5.36 3.70 -0.59
C LYS A 22 -4.50 4.63 0.26
N HIS A 23 -5.11 5.32 1.23
CA HIS A 23 -4.41 6.28 2.09
C HIS A 23 -3.28 5.65 2.92
N SER A 24 -3.40 4.35 3.23
CA SER A 24 -2.37 3.59 3.95
C SER A 24 -1.12 3.38 3.10
N LEU A 25 -1.30 3.00 1.83
CA LEU A 25 -0.19 2.95 0.86
C LEU A 25 0.39 4.34 0.63
N GLN A 26 -0.46 5.36 0.40
CA GLN A 26 -0.01 6.71 0.02
C GLN A 26 0.87 7.37 1.09
N ALA A 27 0.60 7.08 2.37
CA ALA A 27 1.44 7.49 3.49
C ALA A 27 2.74 6.67 3.59
N HIS A 28 2.70 5.37 3.27
CA HIS A 28 3.91 4.53 3.20
C HIS A 28 4.90 5.01 2.11
N LEU A 29 4.42 5.61 1.02
CA LEU A 29 5.29 6.18 -0.03
C LEU A 29 6.26 7.25 0.50
N ARG A 30 5.93 7.92 1.61
CA ARG A 30 6.75 8.97 2.22
C ARG A 30 8.14 8.50 2.69
N ILE A 31 8.36 7.18 2.82
CA ILE A 31 9.70 6.60 3.08
C ILE A 31 10.53 6.43 1.80
N HIS A 32 9.86 6.29 0.65
CA HIS A 32 10.43 6.06 -0.67
C HIS A 32 10.68 7.38 -1.45
N THR A 33 9.96 8.46 -1.15
CA THR A 33 10.19 9.80 -1.71
C THR A 33 11.48 10.44 -1.21
N ASN A 34 11.95 10.06 -0.01
CA ASN A 34 13.19 10.54 0.62
C ASN A 34 14.38 9.59 0.35
N GLU A 35 15.61 10.13 0.37
CA GLU A 35 16.83 9.36 0.11
C GLU A 35 17.26 8.43 1.28
N LYS A 36 18.02 7.37 0.96
CA LYS A 36 18.52 6.36 1.90
C LYS A 36 19.96 5.95 1.52
N GLY A 1 -14.46 -9.76 9.90
CA GLY A 1 -13.78 -9.48 8.61
C GLY A 1 -14.71 -8.84 7.60
N SER A 2 -14.41 -8.97 6.31
CA SER A 2 -15.25 -8.47 5.20
C SER A 2 -16.46 -9.38 4.92
N SER A 3 -17.57 -8.79 4.47
CA SER A 3 -18.81 -9.48 4.11
C SER A 3 -19.36 -8.97 2.78
N GLY A 4 -19.84 -9.89 1.92
CA GLY A 4 -20.40 -9.59 0.58
C GLY A 4 -19.38 -9.18 -0.49
N SER A 5 -18.11 -8.97 -0.13
CA SER A 5 -16.99 -8.59 -1.01
C SER A 5 -15.68 -9.25 -0.55
N SER A 6 -14.76 -9.48 -1.49
CA SER A 6 -13.48 -10.20 -1.27
C SER A 6 -12.34 -9.33 -0.70
N GLY A 7 -12.65 -8.15 -0.16
CA GLY A 7 -11.67 -7.16 0.31
C GLY A 7 -11.05 -6.32 -0.80
N LYS A 8 -10.07 -5.49 -0.41
CA LYS A 8 -9.25 -4.64 -1.29
C LYS A 8 -7.78 -4.72 -0.91
N ILE A 9 -6.91 -4.60 -1.92
CA ILE A 9 -5.45 -4.44 -1.77
C ILE A 9 -4.91 -3.26 -2.60
N PHE A 10 -3.91 -2.59 -2.06
CA PHE A 10 -3.12 -1.53 -2.69
C PHE A 10 -1.62 -1.85 -2.53
N THR A 11 -0.87 -1.92 -3.62
CA THR A 11 0.53 -2.43 -3.64
C THR A 11 1.55 -1.32 -3.88
N CYS A 12 2.62 -1.32 -3.09
CA CYS A 12 3.78 -0.46 -3.27
C CYS A 12 4.55 -0.82 -4.55
N GLU A 13 4.85 0.18 -5.38
CA GLU A 13 5.66 -0.01 -6.58
C GLU A 13 7.17 -0.06 -6.28
N TYR A 14 7.58 0.28 -5.05
CA TYR A 14 8.98 0.42 -4.64
C TYR A 14 9.51 -0.77 -3.82
N CYS A 15 8.65 -1.42 -3.00
CA CYS A 15 9.00 -2.61 -2.20
C CYS A 15 7.96 -3.76 -2.24
N ASN A 16 6.86 -3.58 -2.98
CA ASN A 16 5.79 -4.56 -3.19
C ASN A 16 5.04 -5.03 -1.92
N LYS A 17 5.03 -4.19 -0.87
CA LYS A 17 4.18 -4.34 0.31
C LYS A 17 2.74 -3.99 -0.04
N VAL A 18 1.77 -4.69 0.54
CA VAL A 18 0.33 -4.50 0.31
C VAL A 18 -0.39 -3.94 1.54
N PHE A 19 -1.36 -3.06 1.28
CA PHE A 19 -2.20 -2.38 2.27
C PHE A 19 -3.69 -2.52 1.92
N LYS A 20 -4.56 -2.26 2.90
CA LYS A 20 -6.02 -2.44 2.79
C LYS A 20 -6.73 -1.33 2.00
N PHE A 21 -6.20 -0.11 2.07
CA PHE A 21 -6.82 1.11 1.55
C PHE A 21 -5.81 2.02 0.87
N LYS A 22 -6.29 2.94 0.02
CA LYS A 22 -5.47 3.85 -0.78
C LYS A 22 -4.57 4.73 0.09
N HIS A 23 -5.15 5.42 1.07
CA HIS A 23 -4.42 6.35 1.95
C HIS A 23 -3.33 5.65 2.78
N SER A 24 -3.52 4.36 3.08
CA SER A 24 -2.55 3.54 3.82
C SER A 24 -1.25 3.33 3.02
N LEU A 25 -1.38 2.99 1.74
CA LEU A 25 -0.25 2.92 0.81
C LEU A 25 0.36 4.30 0.59
N GLN A 26 -0.47 5.33 0.37
CA GLN A 26 -0.02 6.68 0.00
C GLN A 26 0.85 7.33 1.09
N ALA A 27 0.55 7.03 2.36
CA ALA A 27 1.38 7.40 3.51
C ALA A 27 2.67 6.57 3.62
N HIS A 28 2.64 5.28 3.27
CA HIS A 28 3.84 4.44 3.21
C HIS A 28 4.85 4.93 2.16
N LEU A 29 4.40 5.54 1.06
CA LEU A 29 5.28 6.13 0.03
C LEU A 29 6.25 7.18 0.58
N ARG A 30 5.90 7.83 1.70
CA ARG A 30 6.72 8.88 2.35
C ARG A 30 8.09 8.39 2.83
N ILE A 31 8.31 7.05 2.93
CA ILE A 31 9.64 6.46 3.20
C ILE A 31 10.50 6.32 1.92
N HIS A 32 9.84 6.21 0.77
CA HIS A 32 10.45 6.03 -0.56
C HIS A 32 10.71 7.36 -1.29
N THR A 33 10.01 8.45 -0.93
CA THR A 33 10.23 9.81 -1.48
C THR A 33 11.49 10.50 -0.97
N ASN A 34 12.14 9.97 0.08
CA ASN A 34 13.28 10.56 0.76
C ASN A 34 14.46 9.57 0.92
N GLU A 35 15.69 10.09 1.00
CA GLU A 35 16.92 9.33 1.24
C GLU A 35 17.89 10.11 2.17
N LYS A 36 18.59 9.39 3.06
CA LYS A 36 19.55 9.94 4.03
C LYS A 36 20.76 9.00 4.21
N GLY A 1 -16.11 3.35 -8.39
CA GLY A 1 -14.99 2.63 -7.74
C GLY A 1 -15.48 1.55 -6.78
N SER A 2 -14.62 1.12 -5.86
CA SER A 2 -14.93 0.13 -4.81
C SER A 2 -14.15 0.41 -3.52
N SER A 3 -14.71 0.00 -2.37
CA SER A 3 -14.15 0.25 -1.04
C SER A 3 -12.91 -0.62 -0.73
N GLY A 4 -11.95 -0.07 0.02
CA GLY A 4 -10.81 -0.82 0.56
C GLY A 4 -11.22 -1.92 1.55
N SER A 5 -10.32 -2.89 1.78
CA SER A 5 -10.50 -4.13 2.55
C SER A 5 -11.59 -5.13 2.08
N SER A 6 -12.58 -4.70 1.30
CA SER A 6 -13.67 -5.52 0.74
C SER A 6 -13.22 -6.35 -0.48
N GLY A 7 -12.17 -7.17 -0.30
CA GLY A 7 -11.46 -7.89 -1.35
C GLY A 7 -10.43 -7.03 -2.13
N LYS A 8 -10.49 -5.70 -1.97
CA LYS A 8 -9.54 -4.74 -2.54
C LYS A 8 -8.27 -4.62 -1.69
N ILE A 9 -7.11 -4.62 -2.36
CA ILE A 9 -5.79 -4.33 -1.82
C ILE A 9 -5.06 -3.27 -2.65
N PHE A 10 -4.04 -2.64 -2.05
CA PHE A 10 -3.16 -1.65 -2.66
C PHE A 10 -1.69 -2.06 -2.44
N THR A 11 -0.85 -1.99 -3.47
CA THR A 11 0.54 -2.50 -3.46
C THR A 11 1.56 -1.39 -3.68
N CYS A 12 2.63 -1.39 -2.90
CA CYS A 12 3.79 -0.53 -3.08
C CYS A 12 4.54 -0.88 -4.37
N GLU A 13 4.80 0.13 -5.21
CA GLU A 13 5.56 -0.02 -6.43
C GLU A 13 7.07 -0.13 -6.14
N TYR A 14 7.50 0.27 -4.94
CA TYR A 14 8.91 0.44 -4.56
C TYR A 14 9.49 -0.72 -3.73
N CYS A 15 8.67 -1.37 -2.88
CA CYS A 15 9.05 -2.54 -2.07
C CYS A 15 8.05 -3.71 -2.10
N ASN A 16 6.93 -3.56 -2.83
CA ASN A 16 5.89 -4.58 -3.05
C ASN A 16 5.17 -5.09 -1.79
N LYS A 17 5.11 -4.27 -0.73
CA LYS A 17 4.23 -4.48 0.44
C LYS A 17 2.79 -4.15 0.04
N VAL A 18 1.83 -4.89 0.58
CA VAL A 18 0.39 -4.68 0.38
C VAL A 18 -0.30 -4.06 1.61
N PHE A 19 -1.37 -3.31 1.34
CA PHE A 19 -2.22 -2.56 2.27
C PHE A 19 -3.70 -2.72 1.92
N LYS A 20 -4.57 -2.34 2.86
CA LYS A 20 -6.03 -2.48 2.77
C LYS A 20 -6.73 -1.29 2.11
N PHE A 21 -6.17 -0.09 2.25
CA PHE A 21 -6.75 1.18 1.80
C PHE A 21 -5.70 2.06 1.09
N LYS A 22 -6.17 2.92 0.18
CA LYS A 22 -5.29 3.78 -0.63
C LYS A 22 -4.44 4.70 0.23
N HIS A 23 -5.06 5.43 1.16
CA HIS A 23 -4.39 6.40 2.02
C HIS A 23 -3.32 5.77 2.92
N SER A 24 -3.44 4.47 3.23
CA SER A 24 -2.45 3.73 4.02
C SER A 24 -1.16 3.49 3.24
N LEU A 25 -1.29 3.09 1.97
CA LEU A 25 -0.16 3.00 1.05
C LEU A 25 0.43 4.39 0.78
N GLN A 26 -0.41 5.41 0.56
CA GLN A 26 0.05 6.77 0.20
C GLN A 26 0.98 7.37 1.26
N ALA A 27 0.69 7.12 2.53
CA ALA A 27 1.53 7.49 3.67
C ALA A 27 2.84 6.67 3.74
N HIS A 28 2.80 5.39 3.36
CA HIS A 28 4.00 4.55 3.26
C HIS A 28 4.96 5.03 2.16
N LEU A 29 4.47 5.64 1.07
CA LEU A 29 5.31 6.19 -0.01
C LEU A 29 6.31 7.27 0.48
N ARG A 30 6.01 7.94 1.60
CA ARG A 30 6.85 8.99 2.20
C ARG A 30 8.23 8.51 2.65
N ILE A 31 8.47 7.19 2.73
CA ILE A 31 9.81 6.60 2.97
C ILE A 31 10.60 6.41 1.66
N HIS A 32 9.89 6.25 0.53
CA HIS A 32 10.43 6.00 -0.80
C HIS A 32 10.66 7.27 -1.63
N THR A 33 9.82 8.30 -1.45
CA THR A 33 10.00 9.65 -2.01
C THR A 33 10.23 10.68 -0.90
N ASN A 34 11.30 11.46 -1.01
CA ASN A 34 11.78 12.40 0.00
C ASN A 34 12.65 13.51 -0.65
N GLU A 35 12.98 14.57 0.09
CA GLU A 35 13.84 15.68 -0.37
C GLU A 35 15.36 15.37 -0.38
N LYS A 36 15.73 14.16 0.06
CA LYS A 36 17.12 13.63 0.11
C LYS A 36 17.34 12.57 -0.99
#